data_8SSO
#
_entry.id   8SSO
#
_cell.length_a   65.619
_cell.length_b   73.225
_cell.length_c   179.315
_cell.angle_alpha   90.000
_cell.angle_beta   90.000
_cell.angle_gamma   90.000
#
_symmetry.space_group_name_H-M   'P 21 21 21'
#
loop_
_entity.id
_entity.type
_entity.pdbx_description
1 polymer 'Aurora kinase A'
2 polymer Mb2
3 non-polymer 1,2-ETHANEDIOL
4 non-polymer 'ACETATE ION'
5 non-polymer N-[(3E)-5-[(2R)-2-METHOXY-2-PHENYLACETYL]PYRROLO[3,4-C]PYRAZOL-3(5H)-YLIDENE]-4-(4-METHYLPIPERAZIN-1-YL)BENZAMIDE
6 water water
#
loop_
_entity_poly.entity_id
_entity_poly.type
_entity_poly.pdbx_seq_one_letter_code
_entity_poly.pdbx_strand_id
1 'polypeptide(L)'
;SVDESKKRQWALEDFEIGRPLGKGKFGNVYLAREKQSKFILALKVLFKAQLEKAGVEHQLRREVEIQSHLRHPNILRLYG
YFHDATRVYLILEYAPLGTVYRELQKLSKFDEQRTATYITELANALSYCHSKRVIHRDIKPENLLLGSAGELKIADFGWS
VHAPSSRRTTLCGTLDYLPPEMIEGRMHDEKVDLWSLGVLCYEFLVGKPPFEANTYQETYKRISRVEFTFPDFVTEGARD
LISRLLKHNPSQRPMLREVLEHPWITANSSKPSNCQNKESASKQS
;
A,D
2 'polypeptide(L)'
;GSVSSVPTKLEVVAATPTSLLISWDAPAVTVVHYVITYGETGGNSPVQEFTVPGSKSTATISGLKPGVDYTITVYAIDFY
WGSYSPISINYRT
;
B,E
#
# COMPACT_ATOMS: atom_id res chain seq x y z
N GLN A 9 -28.29 2.32 -5.08
CA GLN A 9 -29.33 1.44 -5.59
C GLN A 9 -29.25 0.06 -4.95
N TRP A 10 -28.12 -0.62 -5.16
CA TRP A 10 -27.94 -1.97 -4.65
C TRP A 10 -27.70 -1.94 -3.14
N ALA A 11 -28.46 -2.77 -2.42
CA ALA A 11 -28.35 -2.87 -0.96
C ALA A 11 -28.30 -4.34 -0.56
N LEU A 12 -27.93 -4.57 0.70
CA LEU A 12 -27.74 -5.93 1.19
C LEU A 12 -29.02 -6.75 1.13
N GLU A 13 -30.17 -6.12 1.37
CA GLU A 13 -31.45 -6.82 1.37
C GLU A 13 -31.85 -7.35 0.00
N ASP A 14 -31.14 -6.96 -1.06
CA ASP A 14 -31.47 -7.40 -2.41
C ASP A 14 -30.88 -8.75 -2.78
N PHE A 15 -30.12 -9.38 -1.88
CA PHE A 15 -29.37 -10.58 -2.22
C PHE A 15 -29.61 -11.69 -1.22
N GLU A 16 -29.78 -12.90 -1.74
CA GLU A 16 -29.76 -14.12 -0.93
C GLU A 16 -28.34 -14.68 -0.95
N ILE A 17 -27.74 -14.86 0.23
CA ILE A 17 -26.34 -15.23 0.33
C ILE A 17 -26.22 -16.75 0.25
N GLY A 18 -25.52 -17.22 -0.76
CA GLY A 18 -25.31 -18.64 -0.97
C GLY A 18 -24.04 -19.15 -0.33
N ARG A 19 -23.46 -20.17 -0.96
CA ARG A 19 -22.29 -20.83 -0.40
C ARG A 19 -21.03 -19.97 -0.58
N PRO A 20 -20.03 -20.14 0.28
CA PRO A 20 -18.79 -19.37 0.12
C PRO A 20 -17.99 -19.90 -1.06
N LEU A 21 -17.54 -18.98 -1.92
CA LEU A 21 -16.67 -19.33 -3.02
C LEU A 21 -15.21 -19.39 -2.60
N GLY A 22 -14.86 -18.77 -1.48
CA GLY A 22 -13.49 -18.72 -1.02
C GLY A 22 -13.33 -17.62 -0.01
N LYS A 23 -12.21 -17.64 0.69
CA LYS A 23 -11.92 -16.67 1.73
C LYS A 23 -10.83 -15.72 1.26
N GLY A 24 -11.08 -14.43 1.40
CA GLY A 24 -10.08 -13.42 1.14
C GLY A 24 -9.32 -13.07 2.40
N LYS A 25 -8.44 -12.07 2.26
CA LYS A 25 -7.65 -11.67 3.42
C LYS A 25 -8.50 -10.98 4.48
N PHE A 26 -9.57 -10.30 4.06
CA PHE A 26 -10.38 -9.49 4.97
C PHE A 26 -11.81 -10.01 5.10
N GLY A 27 -12.11 -11.19 4.58
CA GLY A 27 -13.45 -11.74 4.65
C GLY A 27 -13.70 -12.69 3.50
N ASN A 28 -14.87 -13.31 3.55
CA ASN A 28 -15.25 -14.33 2.58
C ASN A 28 -15.90 -13.70 1.35
N VAL A 29 -15.91 -14.48 0.26
CA VAL A 29 -16.65 -14.15 -0.95
C VAL A 29 -17.73 -15.20 -1.12
N TYR A 30 -18.97 -14.75 -1.31
CA TYR A 30 -20.12 -15.64 -1.38
C TYR A 30 -20.78 -15.57 -2.75
N LEU A 31 -21.21 -16.73 -3.25
CA LEU A 31 -22.19 -16.75 -4.31
C LEU A 31 -23.49 -16.12 -3.81
N ALA A 32 -24.12 -15.32 -4.66
CA ALA A 32 -25.28 -14.56 -4.26
C ALA A 32 -26.28 -14.48 -5.41
N ARG A 33 -27.55 -14.37 -5.05
CA ARG A 33 -28.63 -14.22 -6.03
C ARG A 33 -29.41 -12.96 -5.72
N GLU A 34 -29.57 -12.10 -6.72
CA GLU A 34 -30.48 -10.98 -6.59
C GLU A 34 -31.88 -11.51 -6.37
N LYS A 35 -32.52 -11.10 -5.27
CA LYS A 35 -33.74 -11.76 -4.81
C LYS A 35 -34.83 -11.73 -5.87
N GLN A 36 -34.98 -10.61 -6.59
CA GLN A 36 -36.13 -10.46 -7.47
C GLN A 36 -36.00 -11.27 -8.75
N SER A 37 -34.78 -11.39 -9.28
CA SER A 37 -34.56 -12.07 -10.56
C SER A 37 -33.75 -13.36 -10.44
N LYS A 38 -33.18 -13.65 -9.27
CA LYS A 38 -32.32 -14.82 -9.05
C LYS A 38 -31.04 -14.75 -9.87
N PHE A 39 -30.68 -13.58 -10.38
CA PHE A 39 -29.44 -13.43 -11.13
C PHE A 39 -28.24 -13.71 -10.23
N ILE A 40 -27.31 -14.49 -10.75
CA ILE A 40 -26.18 -14.98 -9.96
C ILE A 40 -25.07 -13.94 -9.95
N LEU A 41 -24.64 -13.55 -8.76
CA LEU A 41 -23.55 -12.61 -8.56
C LEU A 41 -22.66 -13.14 -7.44
N ALA A 42 -21.57 -12.42 -7.17
CA ALA A 42 -20.67 -12.73 -6.08
C ALA A 42 -20.67 -11.57 -5.09
N LEU A 43 -20.79 -11.87 -3.80
CA LEU A 43 -20.78 -10.87 -2.75
C LEU A 43 -19.48 -11.00 -1.97
N LYS A 44 -18.66 -9.95 -2.02
CA LYS A 44 -17.38 -9.91 -1.35
C LYS A 44 -17.50 -9.10 -0.05
N VAL A 45 -17.02 -9.67 1.04
CA VAL A 45 -17.11 -9.07 2.36
C VAL A 45 -15.71 -8.69 2.82
N LEU A 46 -15.56 -7.46 3.32
CA LEU A 46 -14.32 -7.00 3.91
C LEU A 46 -14.64 -6.33 5.24
N PHE A 47 -14.12 -6.89 6.32
CA PHE A 47 -14.39 -6.39 7.66
C PHE A 47 -13.70 -5.04 7.87
N LYS A 48 -14.45 -4.06 8.37
CA LYS A 48 -13.91 -2.72 8.55
C LYS A 48 -12.77 -2.71 9.56
N ALA A 49 -12.94 -3.41 10.69
CA ALA A 49 -11.89 -3.45 11.69
C ALA A 49 -10.59 -4.05 11.12
N GLN A 50 -10.71 -4.99 10.20
CA GLN A 50 -9.53 -5.57 9.56
C GLN A 50 -8.93 -4.61 8.54
N LEU A 51 -9.78 -3.94 7.77
CA LEU A 51 -9.28 -2.93 6.83
C LEU A 51 -8.49 -1.85 7.55
N GLU A 52 -9.00 -1.38 8.69
CA GLU A 52 -8.33 -0.29 9.41
C GLU A 52 -7.04 -0.77 10.05
N LYS A 53 -7.05 -1.97 10.65
CA LYS A 53 -5.85 -2.50 11.27
C LYS A 53 -4.73 -2.68 10.24
N ALA A 54 -5.10 -3.06 9.02
CA ALA A 54 -4.13 -3.18 7.94
C ALA A 54 -3.83 -1.85 7.26
N GLY A 55 -4.61 -0.81 7.54
CA GLY A 55 -4.39 0.48 6.92
C GLY A 55 -4.71 0.52 5.43
N VAL A 56 -5.76 -0.18 5.02
CA VAL A 56 -6.09 -0.28 3.60
C VAL A 56 -7.54 0.14 3.34
N GLU A 57 -8.21 0.67 4.35
CA GLU A 57 -9.60 1.09 4.17
C GLU A 57 -9.68 2.24 3.16
N HIS A 58 -8.84 3.25 3.33
CA HIS A 58 -8.77 4.34 2.36
C HIS A 58 -8.49 3.80 0.97
N GLN A 59 -7.51 2.90 0.85
CA GLN A 59 -7.18 2.31 -0.44
C GLN A 59 -8.37 1.58 -1.05
N LEU A 60 -9.11 0.81 -0.23
CA LEU A 60 -10.29 0.13 -0.75
C LEU A 60 -11.34 1.12 -1.23
N ARG A 61 -11.59 2.17 -0.45
CA ARG A 61 -12.59 3.17 -0.84
C ARG A 61 -12.23 3.80 -2.18
N ARG A 62 -10.96 4.12 -2.38
CA ARG A 62 -10.55 4.71 -3.65
C ARG A 62 -10.68 3.71 -4.79
N GLU A 63 -10.29 2.46 -4.56
CA GLU A 63 -10.23 1.50 -5.67
C GLU A 63 -11.58 0.95 -6.07
N VAL A 64 -12.58 0.96 -5.18
CA VAL A 64 -13.92 0.54 -5.61
C VAL A 64 -14.50 1.56 -6.59
N GLU A 65 -14.23 2.85 -6.37
CA GLU A 65 -14.63 3.87 -7.32
C GLU A 65 -13.94 3.68 -8.66
N ILE A 66 -12.64 3.39 -8.62
CA ILE A 66 -11.87 3.21 -9.86
C ILE A 66 -12.42 2.03 -10.64
N GLN A 67 -12.60 0.89 -9.98
CA GLN A 67 -13.01 -0.32 -10.68
C GLN A 67 -14.44 -0.26 -11.18
N SER A 68 -15.30 0.53 -10.53
CA SER A 68 -16.70 0.60 -10.94
C SER A 68 -16.87 1.18 -12.33
N HIS A 69 -15.88 1.92 -12.84
CA HIS A 69 -15.97 2.53 -14.16
C HIS A 69 -15.41 1.67 -15.28
N LEU A 70 -14.75 0.56 -14.95
CA LEU A 70 -14.09 -0.28 -15.94
C LEU A 70 -15.07 -1.33 -16.47
N ARG A 71 -15.54 -1.16 -17.70
CA ARG A 71 -16.46 -2.08 -18.35
C ARG A 71 -15.75 -2.74 -19.52
N HIS A 72 -15.41 -4.01 -19.38
CA HIS A 72 -14.71 -4.74 -20.43
C HIS A 72 -14.94 -6.23 -20.21
N PRO A 73 -15.12 -7.02 -21.27
CA PRO A 73 -15.42 -8.45 -21.08
C PRO A 73 -14.35 -9.22 -20.31
N ASN A 74 -13.11 -8.73 -20.28
CA ASN A 74 -12.04 -9.42 -19.58
C ASN A 74 -11.63 -8.70 -18.30
N ILE A 75 -12.51 -7.85 -17.77
CA ILE A 75 -12.33 -7.22 -16.47
C ILE A 75 -13.57 -7.54 -15.65
N LEU A 76 -13.36 -8.10 -14.45
CA LEU A 76 -14.48 -8.45 -13.60
C LEU A 76 -15.30 -7.22 -13.25
N ARG A 77 -16.60 -7.28 -13.49
CA ARG A 77 -17.47 -6.16 -13.22
C ARG A 77 -17.66 -5.98 -11.73
N LEU A 78 -17.48 -4.74 -11.25
CA LEU A 78 -17.87 -4.33 -9.91
C LEU A 78 -19.15 -3.50 -10.06
N TYR A 79 -20.28 -4.06 -9.62
CA TYR A 79 -21.56 -3.42 -9.85
C TYR A 79 -21.92 -2.38 -8.79
N GLY A 80 -21.38 -2.51 -7.59
CA GLY A 80 -21.70 -1.58 -6.53
C GLY A 80 -21.10 -2.03 -5.22
N TYR A 81 -21.30 -1.18 -4.20
CA TYR A 81 -20.78 -1.47 -2.88
C TYR A 81 -21.67 -0.80 -1.84
N PHE A 82 -21.72 -1.40 -0.65
CA PHE A 82 -22.44 -0.83 0.48
C PHE A 82 -21.75 -1.31 1.75
N HIS A 83 -22.34 -0.98 2.89
CA HIS A 83 -21.70 -1.27 4.16
C HIS A 83 -22.75 -1.39 5.26
N ASP A 84 -22.32 -2.01 6.36
CA ASP A 84 -23.06 -1.94 7.63
C ASP A 84 -22.06 -1.63 8.73
N ALA A 85 -22.47 -1.79 9.99
CA ALA A 85 -21.65 -1.34 11.12
C ALA A 85 -20.25 -1.96 11.10
N THR A 86 -20.12 -3.19 10.63
CA THR A 86 -18.85 -3.91 10.74
C THR A 86 -18.24 -4.35 9.41
N ARG A 87 -18.94 -4.23 8.30
CA ARG A 87 -18.45 -4.78 7.05
C ARG A 87 -18.67 -3.82 5.89
N VAL A 88 -17.78 -3.92 4.91
CA VAL A 88 -17.96 -3.36 3.58
C VAL A 88 -18.29 -4.51 2.64
N TYR A 89 -19.24 -4.29 1.75
CA TYR A 89 -19.68 -5.30 0.80
C TYR A 89 -19.42 -4.81 -0.63
N LEU A 90 -18.95 -5.72 -1.48
CA LEU A 90 -18.81 -5.46 -2.91
C LEU A 90 -19.65 -6.46 -3.68
N ILE A 91 -20.46 -5.97 -4.62
CA ILE A 91 -21.25 -6.82 -5.50
C ILE A 91 -20.44 -6.98 -6.78
N LEU A 92 -19.97 -8.20 -7.03
CA LEU A 92 -19.07 -8.45 -8.13
C LEU A 92 -19.67 -9.45 -9.10
N GLU A 93 -19.21 -9.39 -10.35
CA GLU A 93 -19.55 -10.41 -11.34
C GLU A 93 -19.07 -11.77 -10.85
N TYR A 94 -19.85 -12.80 -11.15
CA TYR A 94 -19.49 -14.17 -10.76
C TYR A 94 -18.68 -14.81 -11.88
N ALA A 95 -17.47 -15.25 -11.54
CA ALA A 95 -16.59 -15.95 -12.47
C ALA A 95 -16.57 -17.42 -12.08
N PRO A 96 -17.29 -18.29 -12.79
CA PRO A 96 -17.55 -19.64 -12.28
C PRO A 96 -16.40 -20.62 -12.38
N LEU A 97 -15.33 -20.31 -13.11
CA LEU A 97 -14.26 -21.27 -13.35
C LEU A 97 -13.05 -21.05 -12.45
N GLY A 98 -13.15 -20.18 -11.46
CA GLY A 98 -12.07 -19.99 -10.51
C GLY A 98 -10.89 -19.22 -11.08
N THR A 99 -9.75 -19.35 -10.41
CA THR A 99 -8.55 -18.62 -10.79
C THR A 99 -7.76 -19.40 -11.83
N VAL A 100 -7.10 -18.66 -12.73
CA VAL A 100 -6.22 -19.30 -13.69
C VAL A 100 -5.02 -19.92 -12.99
N TYR A 101 -4.69 -19.45 -11.78
CA TYR A 101 -3.63 -20.10 -10.99
C TYR A 101 -3.95 -21.56 -10.74
N ARG A 102 -5.18 -21.85 -10.31
CA ARG A 102 -5.56 -23.23 -10.03
C ARG A 102 -5.55 -24.07 -11.30
N GLU A 103 -5.94 -23.47 -12.43
CA GLU A 103 -5.82 -24.17 -13.69
C GLU A 103 -4.36 -24.48 -14.02
N LEU A 104 -3.46 -23.55 -13.68
CA LEU A 104 -2.06 -23.78 -13.99
C LEU A 104 -1.47 -24.86 -13.10
N GLN A 105 -1.89 -24.91 -11.83
CA GLN A 105 -1.49 -26.01 -10.96
C GLN A 105 -1.98 -27.35 -11.48
N LYS A 106 -3.18 -27.36 -12.07
CA LYS A 106 -3.75 -28.61 -12.56
C LYS A 106 -3.04 -29.10 -13.81
N LEU A 107 -2.72 -28.19 -14.73
CA LEU A 107 -2.14 -28.56 -16.01
C LEU A 107 -0.61 -28.49 -16.02
N SER A 108 -0.01 -27.95 -14.94
CA SER A 108 1.43 -27.71 -14.82
CA SER A 108 1.43 -27.71 -14.83
C SER A 108 1.87 -26.57 -15.73
N LYS A 109 1.47 -26.59 -17.00
CA LYS A 109 1.75 -25.49 -17.91
C LYS A 109 0.71 -25.52 -19.02
N PHE A 110 0.52 -24.38 -19.69
CA PHE A 110 -0.46 -24.25 -20.74
C PHE A 110 0.21 -24.38 -22.11
N ASP A 111 -0.50 -24.95 -23.08
CA ASP A 111 0.03 -25.01 -24.43
C ASP A 111 -0.04 -23.61 -25.07
N GLU A 112 0.51 -23.50 -26.28
CA GLU A 112 0.63 -22.18 -26.90
C GLU A 112 -0.73 -21.62 -27.32
N GLN A 113 -1.65 -22.49 -27.74
CA GLN A 113 -2.99 -22.02 -28.10
C GLN A 113 -3.68 -21.39 -26.90
N ARG A 114 -3.66 -22.09 -25.76
CA ARG A 114 -4.27 -21.59 -24.55
C ARG A 114 -3.57 -20.32 -24.07
N THR A 115 -2.24 -20.31 -24.11
CA THR A 115 -1.48 -19.15 -23.64
C THR A 115 -1.75 -17.94 -24.53
N ALA A 116 -1.61 -18.10 -25.85
CA ALA A 116 -1.79 -16.96 -26.75
C ALA A 116 -3.21 -16.40 -26.66
N THR A 117 -4.20 -17.25 -26.44
CA THR A 117 -5.56 -16.76 -26.26
C THR A 117 -5.68 -15.93 -24.98
N TYR A 118 -5.07 -16.41 -23.89
CA TYR A 118 -5.06 -15.63 -22.64
C TYR A 118 -4.38 -14.28 -22.86
N ILE A 119 -3.23 -14.29 -23.55
CA ILE A 119 -2.49 -13.06 -23.76
C ILE A 119 -3.30 -12.07 -24.58
N THR A 120 -4.04 -12.57 -25.58
CA THR A 120 -4.91 -11.71 -26.37
C THR A 120 -5.96 -11.05 -25.49
N GLU A 121 -6.63 -11.84 -24.65
CA GLU A 121 -7.66 -11.32 -23.76
C GLU A 121 -7.10 -10.21 -22.86
N LEU A 122 -5.92 -10.45 -22.27
CA LEU A 122 -5.34 -9.45 -21.38
C LEU A 122 -4.85 -8.22 -22.13
N ALA A 123 -4.26 -8.41 -23.32
CA ALA A 123 -3.83 -7.27 -24.10
C ALA A 123 -5.02 -6.40 -24.50
N ASN A 124 -6.18 -7.02 -24.76
CA ASN A 124 -7.40 -6.26 -25.02
C ASN A 124 -7.82 -5.48 -23.79
N ALA A 125 -7.87 -6.15 -22.63
CA ALA A 125 -8.26 -5.49 -21.40
C ALA A 125 -7.29 -4.38 -21.02
N LEU A 126 -5.98 -4.63 -21.18
CA LEU A 126 -5.00 -3.61 -20.81
C LEU A 126 -5.06 -2.42 -21.74
N SER A 127 -5.37 -2.64 -23.03
CA SER A 127 -5.52 -1.53 -23.95
CA SER A 127 -5.52 -1.53 -23.95
C SER A 127 -6.72 -0.67 -23.58
N TYR A 128 -7.80 -1.31 -23.15
CA TYR A 128 -8.97 -0.57 -22.68
C TYR A 128 -8.62 0.25 -21.45
N CYS A 129 -7.93 -0.36 -20.48
CA CYS A 129 -7.51 0.37 -19.29
C CYS A 129 -6.64 1.56 -19.65
N HIS A 130 -5.67 1.37 -20.55
CA HIS A 130 -4.79 2.45 -20.96
C HIS A 130 -5.58 3.58 -21.62
N SER A 131 -6.62 3.25 -22.38
CA SER A 131 -7.47 4.28 -22.98
C SER A 131 -8.15 5.12 -21.90
N LYS A 132 -8.34 4.57 -20.72
N LYS A 132 -8.33 4.56 -20.71
CA LYS A 132 -8.85 5.30 -19.57
CA LYS A 132 -8.85 5.30 -19.57
C LYS A 132 -7.75 5.84 -18.67
C LYS A 132 -7.75 5.86 -18.68
N ARG A 133 -6.49 5.78 -19.12
CA ARG A 133 -5.34 6.27 -18.36
C ARG A 133 -5.19 5.53 -17.03
N VAL A 134 -5.64 4.29 -16.97
CA VAL A 134 -5.47 3.42 -15.82
C VAL A 134 -4.43 2.36 -16.19
N ILE A 135 -3.39 2.24 -15.36
CA ILE A 135 -2.23 1.42 -15.71
C ILE A 135 -1.87 0.53 -14.52
N HIS A 136 -0.91 -0.38 -14.76
CA HIS A 136 -0.37 -1.29 -13.75
C HIS A 136 -1.47 -2.15 -13.13
N ARG A 137 -2.14 -2.92 -13.99
CA ARG A 137 -3.16 -3.84 -13.51
C ARG A 137 -2.52 -5.13 -12.99
N ASP A 138 -3.20 -5.76 -12.04
CA ASP A 138 -2.70 -6.98 -11.41
C ASP A 138 -3.08 -8.16 -12.28
N ILE A 139 -2.10 -8.75 -12.97
CA ILE A 139 -2.40 -9.86 -13.87
C ILE A 139 -1.60 -11.10 -13.47
N LYS A 140 -1.26 -11.21 -12.19
CA LYS A 140 -0.69 -12.44 -11.69
C LYS A 140 -1.76 -13.55 -11.75
N PRO A 141 -1.34 -14.79 -12.01
CA PRO A 141 -2.34 -15.87 -12.17
C PRO A 141 -3.24 -16.05 -10.97
N GLU A 142 -2.71 -15.88 -9.75
CA GLU A 142 -3.50 -16.00 -8.54
C GLU A 142 -4.57 -14.92 -8.41
N ASN A 143 -4.50 -13.85 -9.20
CA ASN A 143 -5.47 -12.77 -9.12
C ASN A 143 -6.32 -12.66 -10.38
N LEU A 144 -6.22 -13.62 -11.29
CA LEU A 144 -7.03 -13.64 -12.50
C LEU A 144 -8.11 -14.70 -12.35
N LEU A 145 -9.36 -14.31 -12.59
CA LEU A 145 -10.48 -15.24 -12.56
C LEU A 145 -10.86 -15.64 -13.99
N LEU A 146 -11.74 -16.64 -14.09
CA LEU A 146 -12.12 -17.22 -15.37
C LEU A 146 -13.63 -17.20 -15.51
N GLY A 147 -14.12 -16.67 -16.64
CA GLY A 147 -15.54 -16.62 -16.90
C GLY A 147 -16.10 -17.97 -17.32
N SER A 148 -17.39 -17.97 -17.63
CA SER A 148 -18.07 -19.22 -17.97
C SER A 148 -17.53 -19.84 -19.25
N ALA A 149 -17.01 -19.02 -20.16
CA ALA A 149 -16.41 -19.50 -21.40
C ALA A 149 -14.91 -19.71 -21.27
N GLY A 150 -14.37 -19.69 -20.06
CA GLY A 150 -12.94 -19.86 -19.86
C GLY A 150 -12.12 -18.63 -20.17
N GLU A 151 -12.75 -17.46 -20.28
CA GLU A 151 -12.04 -16.23 -20.58
C GLU A 151 -11.55 -15.57 -19.30
N LEU A 152 -10.41 -14.91 -19.38
CA LEU A 152 -9.81 -14.30 -18.20
C LEU A 152 -10.61 -13.09 -17.73
N LYS A 153 -10.55 -12.84 -16.43
CA LYS A 153 -11.19 -11.69 -15.79
C LYS A 153 -10.20 -11.08 -14.82
N ILE A 154 -9.73 -9.87 -15.13
CA ILE A 154 -8.87 -9.13 -14.21
C ILE A 154 -9.70 -8.72 -12.99
N ALA A 155 -9.13 -8.94 -11.81
CA ALA A 155 -9.80 -8.60 -10.56
C ALA A 155 -9.21 -7.41 -9.83
N ASP A 156 -7.89 -7.20 -9.92
CA ASP A 156 -7.19 -6.23 -9.08
C ASP A 156 -7.54 -6.44 -7.62
N PHE A 157 -7.42 -5.39 -6.80
CA PHE A 157 -7.54 -5.54 -5.34
C PHE A 157 -6.64 -6.67 -4.83
N GLY A 158 -5.48 -6.85 -5.46
CA GLY A 158 -4.64 -8.00 -5.14
C GLY A 158 -4.24 -8.08 -3.67
N TRP A 159 -4.12 -6.93 -3.01
CA TRP A 159 -3.85 -6.91 -1.57
C TRP A 159 -4.96 -7.57 -0.76
N SER A 160 -6.17 -7.69 -1.33
CA SER A 160 -7.30 -8.31 -0.64
C SER A 160 -7.39 -9.81 -0.87
N VAL A 161 -6.52 -10.36 -1.70
CA VAL A 161 -6.57 -11.77 -2.08
C VAL A 161 -5.64 -12.56 -1.17
N HIS A 162 -6.11 -13.70 -0.69
CA HIS A 162 -5.29 -14.58 0.13
C HIS A 162 -4.35 -15.39 -0.76
N ALA A 163 -3.12 -15.55 -0.31
CA ALA A 163 -2.09 -16.26 -1.08
C ALA A 163 -2.46 -17.73 -1.28
N LEU A 171 4.86 -17.16 -0.14
CA LEU A 171 5.54 -15.92 -0.45
C LEU A 171 4.74 -15.08 -1.44
N CYS A 172 5.11 -13.81 -1.58
CA CYS A 172 4.39 -12.90 -2.44
C CYS A 172 4.73 -13.16 -3.91
N GLY A 173 3.71 -13.03 -4.77
CA GLY A 173 3.94 -13.06 -6.19
C GLY A 173 4.17 -11.71 -6.81
N THR A 174 3.95 -10.64 -6.04
CA THR A 174 4.10 -9.29 -6.57
C THR A 174 5.50 -9.06 -7.10
N LEU A 175 6.52 -9.35 -6.30
CA LEU A 175 7.91 -9.10 -6.69
C LEU A 175 8.21 -9.71 -8.06
N ASP A 176 7.79 -10.95 -8.27
CA ASP A 176 8.14 -11.66 -9.51
C ASP A 176 7.61 -10.97 -10.75
N TYR A 177 6.58 -10.14 -10.62
CA TYR A 177 5.96 -9.49 -11.77
C TYR A 177 6.33 -8.02 -11.91
N LEU A 178 7.08 -7.46 -10.97
CA LEU A 178 7.41 -6.03 -11.02
C LEU A 178 8.50 -5.77 -12.06
N PRO A 179 8.33 -4.78 -12.92
CA PRO A 179 9.41 -4.41 -13.85
C PRO A 179 10.55 -3.71 -13.14
N PRO A 180 11.72 -3.57 -13.78
CA PRO A 180 12.87 -2.96 -13.09
C PRO A 180 12.62 -1.55 -12.58
N GLU A 181 11.82 -0.75 -13.28
CA GLU A 181 11.57 0.61 -12.80
C GLU A 181 10.74 0.63 -11.52
N MET A 182 9.92 -0.40 -11.29
CA MET A 182 9.11 -0.43 -10.07
CA MET A 182 9.10 -0.47 -10.08
C MET A 182 9.89 -0.99 -8.89
N ILE A 183 10.77 -1.97 -9.11
CA ILE A 183 11.54 -2.48 -7.98
C ILE A 183 12.56 -1.45 -7.50
N GLU A 184 12.98 -0.54 -8.37
CA GLU A 184 13.81 0.58 -7.93
C GLU A 184 12.98 1.81 -7.58
N GLY A 185 11.66 1.68 -7.56
CA GLY A 185 10.79 2.76 -7.10
C GLY A 185 10.94 4.03 -7.92
N ARG A 186 11.16 3.91 -9.21
CA ARG A 186 11.25 5.05 -10.10
C ARG A 186 9.91 5.32 -10.75
N MET A 187 9.80 6.50 -11.37
CA MET A 187 8.57 6.85 -12.07
C MET A 187 8.32 5.86 -13.19
N HIS A 188 7.06 5.46 -13.35
CA HIS A 188 6.70 4.43 -14.31
C HIS A 188 5.48 4.87 -15.11
N ASP A 189 5.24 4.19 -16.22
CA ASP A 189 4.15 4.55 -17.13
C ASP A 189 3.43 3.26 -17.53
N GLU A 190 2.64 3.35 -18.60
CA GLU A 190 1.82 2.21 -19.03
C GLU A 190 2.66 1.03 -19.50
N LYS A 191 3.95 1.22 -19.75
CA LYS A 191 4.82 0.13 -20.19
C LYS A 191 5.03 -0.92 -19.11
N VAL A 192 4.70 -0.63 -17.85
CA VAL A 192 4.79 -1.68 -16.82
C VAL A 192 3.89 -2.85 -17.17
N ASP A 193 2.76 -2.60 -17.84
CA ASP A 193 1.84 -3.67 -18.17
C ASP A 193 2.38 -4.55 -19.29
N LEU A 194 3.20 -4.00 -20.17
CA LEU A 194 3.85 -4.81 -21.18
C LEU A 194 4.85 -5.78 -20.55
N TRP A 195 5.64 -5.29 -19.60
CA TRP A 195 6.54 -6.18 -18.87
C TRP A 195 5.77 -7.29 -18.15
N SER A 196 4.71 -6.91 -17.42
CA SER A 196 3.90 -7.91 -16.73
CA SER A 196 3.91 -7.92 -16.72
C SER A 196 3.36 -8.95 -17.70
N LEU A 197 2.93 -8.52 -18.88
CA LEU A 197 2.44 -9.45 -19.90
C LEU A 197 3.52 -10.45 -20.28
N GLY A 198 4.76 -9.99 -20.42
CA GLY A 198 5.85 -10.91 -20.76
C GLY A 198 6.15 -11.89 -19.65
N VAL A 199 6.10 -11.42 -18.40
CA VAL A 199 6.30 -12.31 -17.26
C VAL A 199 5.19 -13.36 -17.22
N LEU A 200 3.96 -12.94 -17.50
CA LEU A 200 2.83 -13.87 -17.43
C LEU A 200 2.87 -14.87 -18.58
N CYS A 201 3.22 -14.40 -19.79
CA CYS A 201 3.31 -15.32 -20.93
C CYS A 201 4.34 -16.41 -20.66
N TYR A 202 5.46 -16.05 -20.02
CA TYR A 202 6.46 -17.06 -19.64
C TYR A 202 5.89 -18.05 -18.64
N GLU A 203 5.23 -17.54 -17.59
CA GLU A 203 4.72 -18.42 -16.55
C GLU A 203 3.65 -19.36 -17.09
N PHE A 204 2.81 -18.86 -18.01
CA PHE A 204 1.81 -19.72 -18.63
C PHE A 204 2.47 -20.89 -19.36
N LEU A 205 3.52 -20.60 -20.13
CA LEU A 205 4.16 -21.62 -20.97
C LEU A 205 5.11 -22.51 -20.18
N VAL A 206 5.72 -21.99 -19.11
CA VAL A 206 6.78 -22.72 -18.43
C VAL A 206 6.25 -23.32 -17.12
N GLY A 207 5.29 -22.64 -16.49
CA GLY A 207 4.73 -23.09 -15.25
C GLY A 207 5.25 -22.39 -14.01
N LYS A 208 6.19 -21.47 -14.18
CA LYS A 208 6.77 -20.69 -13.09
C LYS A 208 7.28 -19.38 -13.69
N PRO A 209 7.33 -18.30 -12.90
CA PRO A 209 7.76 -17.00 -13.45
C PRO A 209 9.26 -16.99 -13.75
N PRO A 210 9.70 -16.14 -14.68
CA PRO A 210 11.08 -16.26 -15.19
C PRO A 210 12.17 -15.80 -14.23
N PHE A 211 11.86 -14.93 -13.26
CA PHE A 211 12.90 -14.36 -12.40
C PHE A 211 12.86 -14.93 -10.99
N GLU A 212 12.17 -16.06 -10.79
CA GLU A 212 12.03 -16.66 -9.48
C GLU A 212 13.40 -16.96 -8.86
N ALA A 213 13.54 -16.63 -7.59
CA ALA A 213 14.76 -16.90 -6.85
C ALA A 213 14.40 -17.06 -5.37
N ASN A 214 15.34 -17.62 -4.61
CA ASN A 214 15.07 -18.01 -3.23
C ASN A 214 15.24 -16.88 -2.21
N THR A 215 15.76 -15.72 -2.61
CA THR A 215 15.82 -14.56 -1.73
C THR A 215 15.31 -13.33 -2.47
N TYR A 216 15.05 -12.26 -1.71
CA TYR A 216 14.63 -11.01 -2.32
C TYR A 216 15.77 -10.38 -3.11
N GLN A 217 16.96 -10.31 -2.51
CA GLN A 217 18.10 -9.70 -3.18
C GLN A 217 18.43 -10.43 -4.48
N GLU A 218 18.33 -11.76 -4.48
CA GLU A 218 18.60 -12.52 -5.68
C GLU A 218 17.53 -12.26 -6.74
N THR A 219 16.25 -12.25 -6.34
CA THR A 219 15.18 -11.96 -7.29
C THR A 219 15.31 -10.54 -7.82
N TYR A 220 15.61 -9.58 -6.94
CA TYR A 220 15.85 -8.20 -7.36
C TYR A 220 16.97 -8.14 -8.39
N LYS A 221 18.08 -8.82 -8.13
CA LYS A 221 19.20 -8.82 -9.07
C LYS A 221 18.77 -9.39 -10.42
N ARG A 222 18.01 -10.50 -10.41
CA ARG A 222 17.58 -11.11 -11.67
C ARG A 222 16.67 -10.19 -12.46
N ILE A 223 15.75 -9.49 -11.79
CA ILE A 223 14.85 -8.59 -12.50
C ILE A 223 15.63 -7.39 -13.05
N SER A 224 16.46 -6.77 -12.22
CA SER A 224 17.16 -5.56 -12.64
C SER A 224 18.11 -5.83 -13.79
N ARG A 225 18.62 -7.06 -13.89
CA ARG A 225 19.49 -7.44 -14.99
C ARG A 225 18.73 -8.17 -16.10
N VAL A 226 17.43 -8.38 -15.94
CA VAL A 226 16.60 -9.17 -16.85
C VAL A 226 17.30 -10.50 -17.14
N GLU A 227 17.76 -11.16 -16.08
CA GLU A 227 18.42 -12.46 -16.20
C GLU A 227 17.38 -13.57 -16.12
N PHE A 228 17.15 -14.25 -17.25
CA PHE A 228 16.28 -15.41 -17.28
C PHE A 228 16.69 -16.30 -18.45
N THR A 229 16.22 -17.55 -18.40
CA THR A 229 16.48 -18.51 -19.46
C THR A 229 15.17 -19.17 -19.88
N PHE A 230 15.17 -19.71 -21.09
CA PHE A 230 14.02 -20.46 -21.59
C PHE A 230 14.30 -21.96 -21.50
N PRO A 231 13.33 -22.75 -21.04
CA PRO A 231 13.42 -24.20 -21.25
C PRO A 231 13.43 -24.51 -22.73
N ASP A 232 14.02 -25.66 -23.07
CA ASP A 232 14.24 -26.00 -24.48
C ASP A 232 12.94 -26.10 -25.26
N PHE A 233 11.82 -26.40 -24.61
CA PHE A 233 10.57 -26.60 -25.32
C PHE A 233 9.89 -25.30 -25.72
N VAL A 234 10.28 -24.17 -25.16
CA VAL A 234 9.66 -22.90 -25.54
C VAL A 234 10.07 -22.58 -26.98
N THR A 235 9.08 -22.38 -27.85
CA THR A 235 9.33 -22.23 -29.27
C THR A 235 9.91 -20.85 -29.59
N GLU A 236 10.39 -20.71 -30.82
CA GLU A 236 11.06 -19.46 -31.20
C GLU A 236 10.08 -18.29 -31.23
N GLY A 237 8.85 -18.53 -31.68
CA GLY A 237 7.86 -17.47 -31.67
C GLY A 237 7.52 -16.98 -30.28
N ALA A 238 7.37 -17.93 -29.34
CA ALA A 238 7.11 -17.56 -27.94
C ALA A 238 8.30 -16.81 -27.34
N ARG A 239 9.51 -17.31 -27.59
CA ARG A 239 10.71 -16.61 -27.14
C ARG A 239 10.77 -15.20 -27.70
N ASP A 240 10.39 -15.04 -28.96
CA ASP A 240 10.45 -13.72 -29.59
C ASP A 240 9.52 -12.74 -28.88
N LEU A 241 8.27 -13.16 -28.67
CA LEU A 241 7.32 -12.28 -28.01
C LEU A 241 7.76 -11.94 -26.59
N ILE A 242 8.10 -12.96 -25.80
CA ILE A 242 8.50 -12.74 -24.42
C ILE A 242 9.71 -11.83 -24.35
N SER A 243 10.70 -12.05 -25.22
CA SER A 243 11.91 -11.23 -25.21
C SER A 243 11.62 -9.79 -25.63
N ARG A 244 10.66 -9.60 -26.54
CA ARG A 244 10.27 -8.24 -26.90
CA ARG A 244 10.27 -8.24 -26.90
CA ARG A 244 10.28 -8.23 -26.90
C ARG A 244 9.62 -7.52 -25.73
N LEU A 245 8.92 -8.25 -24.85
CA LEU A 245 8.24 -7.62 -23.74
C LEU A 245 9.20 -7.37 -22.57
N LEU A 246 10.13 -8.28 -22.32
CA LEU A 246 11.03 -8.16 -21.17
C LEU A 246 12.26 -7.33 -21.55
N LYS A 247 12.00 -6.06 -21.86
CA LYS A 247 13.05 -5.08 -22.10
C LYS A 247 13.25 -4.24 -20.85
N HIS A 248 14.51 -4.02 -20.48
CA HIS A 248 14.80 -3.21 -19.31
C HIS A 248 14.29 -1.78 -19.50
N ASN A 249 14.50 -1.21 -20.68
CA ASN A 249 14.07 0.14 -21.00
C ASN A 249 12.61 0.13 -21.40
N PRO A 250 11.71 0.73 -20.60
CA PRO A 250 10.27 0.62 -20.88
C PRO A 250 9.88 1.14 -22.25
N SER A 251 10.51 2.22 -22.73
CA SER A 251 10.16 2.77 -24.04
C SER A 251 10.49 1.79 -25.16
N GLN A 252 11.35 0.80 -24.92
CA GLN A 252 11.64 -0.20 -25.93
C GLN A 252 10.66 -1.36 -25.91
N ARG A 253 9.76 -1.41 -24.93
CA ARG A 253 8.73 -2.43 -24.95
C ARG A 253 7.68 -2.08 -26.00
N PRO A 254 7.05 -3.08 -26.62
CA PRO A 254 6.16 -2.80 -27.75
C PRO A 254 4.85 -2.19 -27.29
N MET A 255 4.08 -1.73 -28.28
CA MET A 255 2.71 -1.32 -28.03
CA MET A 255 2.71 -1.33 -28.02
C MET A 255 1.83 -2.57 -27.90
N LEU A 256 0.73 -2.42 -27.16
CA LEU A 256 -0.19 -3.55 -27.01
C LEU A 256 -0.70 -4.03 -28.37
N ARG A 257 -0.83 -3.10 -29.34
CA ARG A 257 -1.24 -3.52 -30.68
CA ARG A 257 -1.24 -3.52 -30.68
C ARG A 257 -0.21 -4.42 -31.33
N GLU A 258 1.08 -4.20 -31.05
CA GLU A 258 2.11 -5.08 -31.59
C GLU A 258 2.03 -6.48 -30.97
N VAL A 259 1.67 -6.58 -29.69
CA VAL A 259 1.44 -7.88 -29.08
C VAL A 259 0.28 -8.59 -29.76
N LEU A 260 -0.85 -7.89 -29.92
CA LEU A 260 -2.02 -8.48 -30.53
C LEU A 260 -1.77 -8.91 -31.97
N GLU A 261 -0.81 -8.29 -32.64
CA GLU A 261 -0.49 -8.60 -34.04
C GLU A 261 0.79 -9.40 -34.19
N HIS A 262 1.45 -9.75 -33.09
CA HIS A 262 2.67 -10.55 -33.16
C HIS A 262 2.38 -11.87 -33.87
N PRO A 263 3.27 -12.33 -34.76
CA PRO A 263 2.98 -13.56 -35.52
C PRO A 263 2.67 -14.77 -34.65
N TRP A 264 3.37 -14.93 -33.52
CA TRP A 264 3.10 -16.07 -32.65
C TRP A 264 1.72 -15.98 -32.03
N ILE A 265 1.25 -14.76 -31.75
CA ILE A 265 -0.09 -14.59 -31.17
C ILE A 265 -1.16 -14.94 -32.21
N THR A 266 -1.06 -14.37 -33.41
CA THR A 266 -2.12 -14.57 -34.39
C THR A 266 -2.14 -15.99 -34.93
N ALA A 267 -1.00 -16.69 -34.89
CA ALA A 267 -1.00 -18.08 -35.33
C ALA A 267 -1.60 -19.03 -34.29
N ASN A 268 -1.61 -18.65 -33.02
CA ASN A 268 -2.02 -19.54 -31.95
C ASN A 268 -3.25 -19.11 -31.18
N SER A 269 -3.64 -17.84 -31.26
CA SER A 269 -4.82 -17.38 -30.53
C SER A 269 -6.10 -17.75 -31.25
N SER A 270 -7.08 -18.21 -30.48
CA SER A 270 -8.42 -18.44 -30.99
C SER A 270 -9.29 -17.19 -30.90
N LYS A 271 -8.70 -16.03 -30.63
CA LYS A 271 -9.44 -14.78 -30.49
C LYS A 271 -8.72 -13.64 -31.22
N SER B 2 -32.42 -2.41 5.52
CA SER B 2 -33.69 -2.81 6.13
C SER B 2 -33.46 -3.66 7.37
N VAL B 3 -32.40 -4.48 7.34
CA VAL B 3 -32.17 -5.43 8.43
C VAL B 3 -31.44 -4.77 9.59
N SER B 4 -30.60 -3.77 9.33
CA SER B 4 -29.81 -3.14 10.37
C SER B 4 -29.93 -1.62 10.28
N SER B 5 -29.49 -0.96 11.34
CA SER B 5 -29.44 0.49 11.41
C SER B 5 -28.28 0.89 12.31
N VAL B 6 -27.74 2.09 12.09
CA VAL B 6 -26.75 2.68 12.97
C VAL B 6 -27.13 4.12 13.24
N PRO B 7 -27.35 4.52 14.49
CA PRO B 7 -27.20 3.72 15.71
C PRO B 7 -28.32 2.71 15.94
N THR B 8 -28.29 2.03 17.08
CA THR B 8 -29.35 1.14 17.50
C THR B 8 -29.87 1.57 18.86
N LYS B 9 -31.05 1.07 19.21
CA LYS B 9 -31.68 1.28 20.52
C LYS B 9 -31.74 2.78 20.87
N LEU B 10 -32.39 3.53 20.00
CA LEU B 10 -32.64 4.94 20.25
C LEU B 10 -33.82 5.11 21.20
N GLU B 11 -33.66 5.98 22.19
CA GLU B 11 -34.67 6.12 23.22
C GLU B 11 -34.63 7.51 23.84
N VAL B 12 -35.76 7.94 24.37
CA VAL B 12 -35.86 9.17 25.15
C VAL B 12 -35.65 8.81 26.61
N VAL B 13 -34.59 9.35 27.21
CA VAL B 13 -34.27 9.02 28.60
C VAL B 13 -34.79 10.04 29.60
N ALA B 14 -35.05 11.28 29.18
CA ALA B 14 -35.62 12.29 30.06
C ALA B 14 -36.29 13.35 29.20
N ALA B 15 -37.19 14.10 29.82
CA ALA B 15 -37.97 15.07 29.06
C ALA B 15 -38.49 16.18 29.97
N THR B 16 -38.67 17.35 29.38
CA THR B 16 -39.45 18.45 29.91
C THR B 16 -40.66 18.65 29.00
N PRO B 17 -41.59 19.55 29.35
CA PRO B 17 -42.73 19.80 28.45
C PRO B 17 -42.33 20.23 27.05
N THR B 18 -41.12 20.78 26.85
CA THR B 18 -40.71 21.32 25.56
C THR B 18 -39.40 20.74 25.05
N SER B 19 -38.83 19.72 25.71
CA SER B 19 -37.53 19.23 25.30
C SER B 19 -37.42 17.74 25.57
N LEU B 20 -36.55 17.09 24.80
CA LEU B 20 -36.30 15.66 24.90
C LEU B 20 -34.81 15.42 24.99
N LEU B 21 -34.41 14.51 25.87
CA LEU B 21 -33.04 14.02 25.94
C LEU B 21 -33.04 12.61 25.35
N ILE B 22 -32.40 12.45 24.20
CA ILE B 22 -32.37 11.17 23.50
C ILE B 22 -31.00 10.54 23.69
N SER B 23 -30.97 9.22 23.58
CA SER B 23 -29.74 8.44 23.77
C SER B 23 -29.77 7.25 22.81
N TRP B 24 -28.58 6.79 22.43
CA TRP B 24 -28.48 5.69 21.48
C TRP B 24 -27.18 4.92 21.72
N ASP B 25 -27.12 3.72 21.16
CA ASP B 25 -25.93 2.87 21.26
C ASP B 25 -25.05 3.11 20.04
N ALA B 26 -23.78 3.46 20.28
CA ALA B 26 -22.83 3.65 19.21
C ALA B 26 -22.21 2.33 18.79
N PRO B 27 -21.82 2.18 17.53
CA PRO B 27 -21.15 0.96 17.08
C PRO B 27 -19.68 1.00 17.46
N ALA B 28 -19.00 -0.10 17.16
CA ALA B 28 -17.56 -0.16 17.42
C ALA B 28 -16.81 0.79 16.49
N VAL B 29 -17.12 0.76 15.20
CA VAL B 29 -16.40 1.57 14.23
C VAL B 29 -16.60 3.06 14.53
N THR B 30 -15.59 3.86 14.19
CA THR B 30 -15.67 5.30 14.37
C THR B 30 -16.77 5.88 13.48
N VAL B 31 -17.49 6.86 14.02
CA VAL B 31 -18.53 7.57 13.30
C VAL B 31 -18.15 9.04 13.21
N VAL B 32 -18.34 9.63 12.03
CA VAL B 32 -18.07 11.07 11.87
C VAL B 32 -19.03 11.88 12.74
N HIS B 33 -20.32 11.79 12.43
CA HIS B 33 -21.33 12.44 13.26
C HIS B 33 -22.67 11.73 13.04
N TYR B 34 -23.64 12.08 13.87
CA TYR B 34 -24.99 11.56 13.75
C TYR B 34 -25.90 12.66 13.22
N VAL B 35 -26.77 12.29 12.29
CA VAL B 35 -27.77 13.19 11.74
C VAL B 35 -29.08 12.91 12.47
N ILE B 36 -29.63 13.94 13.12
CA ILE B 36 -30.82 13.81 13.94
C ILE B 36 -31.91 14.67 13.33
N THR B 37 -33.03 14.06 12.97
CA THR B 37 -34.19 14.75 12.44
C THR B 37 -35.37 14.58 13.39
N TYR B 38 -36.25 15.59 13.42
CA TYR B 38 -37.43 15.51 14.27
C TYR B 38 -38.49 16.45 13.74
N GLY B 39 -39.74 16.04 13.91
CA GLY B 39 -40.87 16.84 13.47
C GLY B 39 -42.16 16.23 13.98
N GLU B 40 -43.23 17.02 13.87
CA GLU B 40 -44.55 16.55 14.25
C GLU B 40 -44.95 15.34 13.42
N THR B 41 -45.39 14.28 14.11
CA THR B 41 -45.69 13.01 13.44
C THR B 41 -46.82 13.16 12.42
N GLY B 42 -47.66 14.18 12.54
CA GLY B 42 -48.75 14.40 11.60
C GLY B 42 -48.31 14.52 10.16
N GLY B 43 -47.02 14.72 9.89
CA GLY B 43 -46.52 14.81 8.54
C GLY B 43 -46.74 16.12 7.85
N ASN B 44 -47.40 17.08 8.49
CA ASN B 44 -47.65 18.38 7.89
C ASN B 44 -46.57 19.40 8.23
N SER B 45 -46.13 19.43 9.49
CA SER B 45 -45.09 20.35 9.91
C SER B 45 -43.75 19.97 9.27
N PRO B 46 -42.84 20.92 9.14
CA PRO B 46 -41.54 20.62 8.52
C PRO B 46 -40.62 19.86 9.47
N VAL B 47 -39.71 19.09 8.87
CA VAL B 47 -38.74 18.31 9.62
C VAL B 47 -37.52 19.19 9.90
N GLN B 48 -37.09 19.21 11.15
CA GLN B 48 -35.89 19.92 11.55
C GLN B 48 -34.74 18.94 11.70
N GLU B 49 -33.53 19.38 11.35
CA GLU B 49 -32.38 18.49 11.32
C GLU B 49 -31.16 19.22 11.89
N PHE B 50 -30.39 18.50 12.71
CA PHE B 50 -29.09 18.98 13.17
C PHE B 50 -28.17 17.79 13.31
N THR B 51 -26.88 18.07 13.53
CA THR B 51 -25.87 17.03 13.63
C THR B 51 -25.22 17.06 15.01
N VAL B 52 -24.68 15.90 15.39
CA VAL B 52 -24.04 15.70 16.69
C VAL B 52 -22.77 14.91 16.46
N PRO B 53 -21.64 15.30 17.05
CA PRO B 53 -20.37 14.62 16.76
C PRO B 53 -20.42 13.14 17.11
N GLY B 54 -19.66 12.35 16.34
CA GLY B 54 -19.65 10.91 16.51
C GLY B 54 -19.17 10.45 17.88
N SER B 55 -18.46 11.31 18.61
CA SER B 55 -18.03 10.97 19.96
C SER B 55 -19.17 11.04 20.98
N LYS B 56 -20.35 11.48 20.58
CA LYS B 56 -21.48 11.62 21.48
C LYS B 56 -22.47 10.49 21.28
N SER B 57 -23.15 10.11 22.36
CA SER B 57 -24.23 9.13 22.31
C SER B 57 -25.55 9.69 22.83
N THR B 58 -25.59 10.98 23.16
CA THR B 58 -26.83 11.63 23.60
C THR B 58 -26.96 12.97 22.91
N ALA B 59 -28.18 13.50 22.94
CA ALA B 59 -28.45 14.81 22.37
C ALA B 59 -29.74 15.34 22.98
N THR B 60 -29.87 16.66 23.00
CA THR B 60 -31.06 17.34 23.47
C THR B 60 -31.81 17.94 22.29
N ILE B 61 -33.10 17.64 22.20
CA ILE B 61 -34.01 18.27 21.25
C ILE B 61 -34.87 19.24 22.04
N SER B 62 -34.78 20.53 21.73
CA SER B 62 -35.46 21.57 22.48
C SER B 62 -36.39 22.36 21.57
N GLY B 63 -37.11 23.32 22.16
CA GLY B 63 -38.04 24.13 21.41
C GLY B 63 -39.26 23.39 20.92
N LEU B 64 -39.66 22.33 21.62
CA LEU B 64 -40.77 21.49 21.19
C LEU B 64 -42.08 22.01 21.76
N LYS B 65 -43.17 21.68 21.07
CA LYS B 65 -44.49 22.02 21.59
C LYS B 65 -44.97 20.98 22.58
N PRO B 66 -45.69 21.39 23.62
CA PRO B 66 -46.16 20.42 24.61
C PRO B 66 -47.38 19.65 24.12
N GLY B 67 -47.45 18.38 24.51
CA GLY B 67 -48.59 17.54 24.16
C GLY B 67 -48.73 17.26 22.68
N VAL B 68 -47.62 17.06 21.98
CA VAL B 68 -47.63 16.82 20.54
C VAL B 68 -46.81 15.57 20.25
N ASP B 69 -47.27 14.78 19.29
CA ASP B 69 -46.56 13.59 18.85
C ASP B 69 -45.41 14.00 17.94
N TYR B 70 -44.22 13.45 18.20
CA TYR B 70 -43.04 13.72 17.40
C TYR B 70 -42.39 12.42 16.95
N THR B 71 -41.78 12.45 15.77
CA THR B 71 -40.98 11.36 15.26
C THR B 71 -39.52 11.80 15.21
N ILE B 72 -38.65 11.02 15.84
CA ILE B 72 -37.22 11.32 15.91
C ILE B 72 -36.46 10.24 15.14
N THR B 73 -35.54 10.68 14.30
CA THR B 73 -34.76 9.77 13.46
C THR B 73 -33.29 10.13 13.56
N VAL B 74 -32.45 9.10 13.72
CA VAL B 74 -31.01 9.27 13.85
C VAL B 74 -30.33 8.26 12.93
N TYR B 75 -29.32 8.73 12.18
CA TYR B 75 -28.46 7.82 11.43
C TYR B 75 -27.04 8.36 11.47
N ALA B 76 -26.07 7.44 11.53
CA ALA B 76 -24.67 7.79 11.59
C ALA B 76 -24.08 7.95 10.19
N ILE B 77 -22.87 8.49 10.14
CA ILE B 77 -22.13 8.71 8.90
C ILE B 77 -20.75 8.09 9.02
N ASP B 78 -20.43 7.17 8.12
CA ASP B 78 -19.09 6.60 8.02
C ASP B 78 -18.25 7.48 7.11
N PHE B 79 -17.01 7.75 7.53
CA PHE B 79 -16.15 8.68 6.78
C PHE B 79 -15.99 8.22 5.34
N TYR B 80 -15.72 6.93 5.14
CA TYR B 80 -15.46 6.39 3.82
C TYR B 80 -16.73 5.95 3.10
N TRP B 81 -17.66 5.31 3.80
CA TRP B 81 -18.74 4.58 3.16
C TRP B 81 -20.09 5.28 3.29
N GLY B 82 -20.12 6.50 3.81
CA GLY B 82 -21.34 7.28 3.78
C GLY B 82 -22.29 6.94 4.92
N SER B 83 -23.56 7.27 4.70
CA SER B 83 -24.57 7.14 5.74
C SER B 83 -24.94 5.68 5.97
N TYR B 84 -25.38 5.41 7.19
CA TYR B 84 -25.99 4.14 7.54
C TYR B 84 -27.51 4.25 7.44
N SER B 85 -28.19 3.12 7.61
CA SER B 85 -29.64 3.11 7.63
C SER B 85 -30.13 3.74 8.93
N PRO B 86 -31.26 4.45 8.89
CA PRO B 86 -31.72 5.20 10.05
C PRO B 86 -32.54 4.35 11.01
N ILE B 87 -32.73 4.90 12.22
CA ILE B 87 -33.59 4.31 13.23
C ILE B 87 -34.50 5.40 13.77
N SER B 88 -35.79 5.08 13.89
CA SER B 88 -36.81 6.07 14.23
C SER B 88 -37.60 5.62 15.45
N ILE B 89 -37.99 6.59 16.28
CA ILE B 89 -38.86 6.37 17.41
C ILE B 89 -39.90 7.49 17.46
N ASN B 90 -40.96 7.26 18.22
CA ASN B 90 -42.00 8.25 18.44
C ASN B 90 -42.04 8.61 19.92
N TYR B 91 -42.34 9.88 20.20
CA TYR B 91 -42.50 10.33 21.58
C TYR B 91 -43.53 11.45 21.63
N ARG B 92 -44.42 11.37 22.61
CA ARG B 92 -45.40 12.42 22.87
C ARG B 92 -44.90 13.28 24.03
N THR B 93 -44.62 14.55 23.75
CA THR B 93 -44.17 15.47 24.78
C THR B 93 -45.28 15.70 25.80
N GLN C 9 27.94 -3.97 7.42
CA GLN C 9 27.25 -4.88 8.31
C GLN C 9 27.00 -4.21 9.67
N TRP C 10 25.80 -4.41 10.21
CA TRP C 10 25.40 -3.80 11.47
C TRP C 10 24.73 -4.83 12.36
N ALA C 11 24.63 -4.48 13.65
CA ALA C 11 23.96 -5.31 14.63
C ALA C 11 23.53 -4.43 15.79
N LEU C 12 22.74 -5.01 16.69
CA LEU C 12 22.26 -4.26 17.85
C LEU C 12 23.40 -3.91 18.78
N GLU C 13 24.42 -4.77 18.86
CA GLU C 13 25.51 -4.58 19.82
C GLU C 13 26.37 -3.35 19.51
N ASP C 14 26.39 -2.89 18.25
CA ASP C 14 27.20 -1.73 17.90
C ASP C 14 26.59 -0.41 18.37
N PHE C 15 25.38 -0.43 18.94
CA PHE C 15 24.70 0.78 19.37
C PHE C 15 24.25 0.64 20.81
N GLU C 16 24.38 1.73 21.57
CA GLU C 16 23.77 1.83 22.89
C GLU C 16 22.44 2.56 22.73
N ILE C 17 21.34 1.85 22.96
CA ILE C 17 20.02 2.44 22.78
C ILE C 17 19.73 3.39 23.92
N GLY C 18 19.31 4.60 23.57
CA GLY C 18 18.96 5.63 24.54
C GLY C 18 17.47 5.79 24.69
N ARG C 19 17.07 7.01 25.05
CA ARG C 19 15.66 7.29 25.30
C ARG C 19 14.85 7.23 24.00
N PRO C 20 13.56 6.91 24.09
CA PRO C 20 12.73 6.91 22.89
C PRO C 20 12.48 8.33 22.40
N LEU C 21 12.44 8.49 21.08
CA LEU C 21 12.13 9.77 20.47
C LEU C 21 10.67 9.89 20.07
N GLY C 22 10.00 8.77 19.79
CA GLY C 22 8.61 8.78 19.38
C GLY C 22 8.10 7.40 19.06
N LYS C 23 6.79 7.18 19.20
CA LYS C 23 6.19 5.89 18.94
C LYS C 23 5.71 5.83 17.50
N GLY C 24 6.19 4.84 16.75
CA GLY C 24 5.74 4.61 15.39
C GLY C 24 4.64 3.57 15.34
N LYS C 25 4.13 3.36 14.12
CA LYS C 25 3.06 2.38 13.94
C LYS C 25 3.53 0.97 14.21
N PHE C 26 4.77 0.65 13.85
CA PHE C 26 5.30 -0.70 13.96
C PHE C 26 6.44 -0.81 14.97
N GLY C 27 6.66 0.21 15.77
CA GLY C 27 7.69 0.17 16.79
C GLY C 27 8.19 1.56 17.11
N ASN C 28 9.03 1.62 18.13
CA ASN C 28 9.54 2.90 18.61
C ASN C 28 10.76 3.33 17.81
N VAL C 29 11.01 4.64 17.84
CA VAL C 29 12.24 5.22 17.33
C VAL C 29 13.07 5.69 18.52
N TYR C 30 14.32 5.26 18.57
CA TYR C 30 15.18 5.52 19.72
C TYR C 30 16.35 6.41 19.33
N LEU C 31 16.77 7.24 20.29
CA LEU C 31 18.04 7.95 20.16
C LEU C 31 19.17 6.95 20.38
N ALA C 32 20.02 6.78 19.39
CA ALA C 32 21.08 5.78 19.43
C ALA C 32 22.44 6.46 19.35
N ARG C 33 23.45 5.74 19.84
CA ARG C 33 24.82 6.23 19.84
C ARG C 33 25.74 5.10 19.40
N GLU C 34 26.49 5.33 18.34
CA GLU C 34 27.49 4.36 17.90
C GLU C 34 28.58 4.24 18.96
N LYS C 35 28.86 3.01 19.41
CA LYS C 35 29.65 2.82 20.61
C LYS C 35 31.08 3.32 20.45
N GLN C 36 31.75 2.93 19.37
CA GLN C 36 33.18 3.21 19.25
C GLN C 36 33.49 4.69 19.05
N SER C 37 32.51 5.50 18.63
CA SER C 37 32.75 6.90 18.37
C SER C 37 31.77 7.85 19.06
N LYS C 38 30.70 7.33 19.67
CA LYS C 38 29.70 8.15 20.35
C LYS C 38 29.05 9.15 19.41
N PHE C 39 28.81 8.72 18.17
CA PHE C 39 28.11 9.54 17.19
C PHE C 39 26.60 9.34 17.32
N ILE C 40 25.87 10.44 17.22
CA ILE C 40 24.44 10.44 17.51
C ILE C 40 23.67 10.04 16.26
N LEU C 41 22.85 8.99 16.37
CA LEU C 41 21.99 8.53 15.29
C LEU C 41 20.62 8.20 15.86
N ALA C 42 19.69 7.86 14.97
CA ALA C 42 18.36 7.40 15.35
C ALA C 42 18.17 5.96 14.91
N LEU C 43 17.60 5.14 15.78
CA LEU C 43 17.36 3.72 15.51
C LEU C 43 15.86 3.47 15.48
N LYS C 44 15.34 3.14 14.31
CA LYS C 44 13.92 2.89 14.11
C LYS C 44 13.65 1.39 14.19
N VAL C 45 12.70 1.00 15.04
CA VAL C 45 12.35 -0.40 15.25
C VAL C 45 11.00 -0.66 14.57
N LEU C 46 10.91 -1.79 13.87
CA LEU C 46 9.68 -2.22 13.23
C LEU C 46 9.48 -3.69 13.51
N PHE C 47 8.38 -4.04 14.18
CA PHE C 47 8.12 -5.41 14.58
C PHE C 47 7.68 -6.25 13.39
N LYS C 48 8.26 -7.44 13.25
CA LYS C 48 7.99 -8.27 12.07
C LYS C 48 6.57 -8.79 12.06
N ALA C 49 6.05 -9.22 13.22
CA ALA C 49 4.69 -9.74 13.28
C ALA C 49 3.68 -8.68 12.85
N GLN C 50 3.94 -7.42 13.20
CA GLN C 50 3.07 -6.33 12.78
C GLN C 50 3.25 -6.02 11.31
N LEU C 51 4.50 -6.08 10.82
CA LEU C 51 4.74 -5.86 9.40
C LEU C 51 4.03 -6.89 8.55
N GLU C 52 4.01 -8.15 9.00
CA GLU C 52 3.33 -9.20 8.25
C GLU C 52 1.82 -9.03 8.29
N LYS C 53 1.28 -8.52 9.39
CA LYS C 53 -0.17 -8.32 9.51
C LYS C 53 -0.66 -7.33 8.46
N ALA C 54 0.02 -6.19 8.33
CA ALA C 54 -0.39 -5.17 7.37
C ALA C 54 -0.04 -5.52 5.93
N GLY C 55 0.74 -6.57 5.70
CA GLY C 55 1.15 -6.93 4.36
C GLY C 55 2.06 -5.91 3.70
N VAL C 56 2.98 -5.32 4.48
CA VAL C 56 3.86 -4.27 4.01
C VAL C 56 5.33 -4.62 4.20
N GLU C 57 5.63 -5.87 4.59
CA GLU C 57 7.03 -6.28 4.73
C GLU C 57 7.78 -6.11 3.41
N HIS C 58 7.17 -6.54 2.30
CA HIS C 58 7.79 -6.40 1.00
C HIS C 58 7.99 -4.93 0.65
N GLN C 59 6.98 -4.09 0.92
CA GLN C 59 7.09 -2.67 0.63
C GLN C 59 8.26 -2.03 1.38
N LEU C 60 8.39 -2.34 2.68
CA LEU C 60 9.46 -1.75 3.48
C LEU C 60 10.83 -2.12 2.94
N ARG C 61 11.02 -3.38 2.55
CA ARG C 61 12.32 -3.80 2.03
C ARG C 61 12.69 -3.05 0.76
N ARG C 62 11.70 -2.81 -0.11
CA ARG C 62 11.97 -2.05 -1.32
C ARG C 62 12.28 -0.59 -1.01
N GLU C 63 11.46 0.03 -0.15
CA GLU C 63 11.64 1.44 0.16
C GLU C 63 12.93 1.69 0.93
N VAL C 64 13.38 0.69 1.71
CA VAL C 64 14.65 0.83 2.41
C VAL C 64 15.80 0.89 1.41
N GLU C 65 15.77 0.04 0.39
CA GLU C 65 16.80 0.07 -0.65
C GLU C 65 16.74 1.39 -1.42
N ILE C 66 15.54 1.89 -1.68
CA ILE C 66 15.37 3.14 -2.39
C ILE C 66 16.00 4.28 -1.60
N GLN C 67 15.65 4.40 -0.32
CA GLN C 67 16.06 5.54 0.48
C GLN C 67 17.56 5.53 0.78
N SER C 68 18.22 4.39 0.65
CA SER C 68 19.65 4.33 0.96
C SER C 68 20.50 5.05 -0.08
N HIS C 69 20.01 5.19 -1.31
CA HIS C 69 20.75 5.88 -2.37
C HIS C 69 20.50 7.38 -2.40
N LEU C 70 19.59 7.90 -1.58
CA LEU C 70 19.21 9.31 -1.63
C LEU C 70 20.16 10.13 -0.76
N ARG C 71 20.91 11.03 -1.39
CA ARG C 71 21.91 11.86 -0.71
C ARG C 71 21.52 13.33 -0.91
N HIS C 72 20.93 13.93 0.13
CA HIS C 72 20.52 15.33 0.04
C HIS C 72 20.35 15.87 1.45
N PRO C 73 20.75 17.13 1.70
CA PRO C 73 20.64 17.66 3.08
C PRO C 73 19.21 17.82 3.57
N ASN C 74 18.22 17.85 2.68
CA ASN C 74 16.83 17.96 3.09
C ASN C 74 16.09 16.63 3.04
N ILE C 75 16.82 15.53 2.90
CA ILE C 75 16.25 14.18 2.95
C ILE C 75 16.96 13.43 4.07
N LEU C 76 16.18 12.91 5.02
CA LEU C 76 16.75 12.14 6.11
C LEU C 76 17.54 10.95 5.56
N ARG C 77 18.76 10.77 6.07
CA ARG C 77 19.61 9.70 5.59
C ARG C 77 19.24 8.38 6.27
N LEU C 78 19.21 7.32 5.47
CA LEU C 78 19.10 5.95 5.97
C LEU C 78 20.45 5.29 5.75
N TYR C 79 21.15 4.98 6.84
CA TYR C 79 22.52 4.50 6.76
C TYR C 79 22.64 2.99 6.63
N GLY C 80 21.59 2.25 6.99
CA GLY C 80 21.66 0.81 6.92
C GLY C 80 20.52 0.18 7.69
N TYR C 81 20.57 -1.14 7.79
CA TYR C 81 19.49 -1.86 8.45
C TYR C 81 20.01 -3.22 8.91
N PHE C 82 19.29 -3.79 9.87
CA PHE C 82 19.55 -5.15 10.33
C PHE C 82 18.28 -5.64 11.02
N HIS C 83 18.28 -6.92 11.38
CA HIS C 83 17.07 -7.54 11.89
C HIS C 83 17.43 -8.66 12.86
N ASP C 84 16.48 -8.98 13.74
CA ASP C 84 16.54 -10.18 14.56
C ASP C 84 15.27 -11.01 14.39
N ALA C 85 15.02 -11.95 15.30
CA ALA C 85 13.88 -12.84 15.14
C ALA C 85 12.54 -12.14 15.28
N THR C 86 12.51 -10.88 15.73
CA THR C 86 11.24 -10.24 16.04
C THR C 86 11.05 -8.90 15.33
N ARG C 87 12.14 -8.16 15.11
CA ARG C 87 12.04 -6.79 14.64
C ARG C 87 13.01 -6.53 13.50
N VAL C 88 12.74 -5.45 12.77
CA VAL C 88 13.63 -4.91 11.75
C VAL C 88 14.11 -3.55 12.24
N TYR C 89 15.41 -3.31 12.16
CA TYR C 89 16.02 -2.08 12.67
C TYR C 89 16.50 -1.23 11.50
N LEU C 90 16.20 0.06 11.55
CA LEU C 90 16.68 1.03 10.56
C LEU C 90 17.59 2.03 11.26
N ILE C 91 18.77 2.24 10.69
CA ILE C 91 19.74 3.18 11.22
C ILE C 91 19.61 4.47 10.42
N LEU C 92 19.07 5.52 11.06
CA LEU C 92 18.70 6.73 10.36
C LEU C 92 19.42 7.94 10.93
N GLU C 93 19.47 8.98 10.11
CA GLU C 93 19.97 10.28 10.56
C GLU C 93 19.10 10.83 11.67
N TYR C 94 19.72 11.50 12.64
CA TYR C 94 19.00 12.06 13.78
C TYR C 94 18.62 13.50 13.46
N ALA C 95 17.32 13.78 13.44
CA ALA C 95 16.83 15.14 13.34
C ALA C 95 16.49 15.64 14.73
N PRO C 96 17.21 16.64 15.26
CA PRO C 96 17.05 16.98 16.68
C PRO C 96 15.88 17.90 16.99
N LEU C 97 15.37 18.65 16.03
CA LEU C 97 14.33 19.64 16.30
C LEU C 97 12.92 19.10 16.14
N GLY C 98 12.76 17.78 15.96
CA GLY C 98 11.44 17.19 15.92
C GLY C 98 10.75 17.39 14.58
N THR C 99 9.42 17.24 14.61
CA THR C 99 8.62 17.33 13.40
C THR C 99 8.10 18.74 13.19
N VAL C 100 7.90 19.09 11.91
CA VAL C 100 7.33 20.40 11.60
C VAL C 100 5.85 20.45 11.97
N TYR C 101 5.19 19.28 12.10
CA TYR C 101 3.81 19.27 12.56
C TYR C 101 3.69 19.77 13.99
N ARG C 102 4.57 19.27 14.87
CA ARG C 102 4.60 19.77 16.25
C ARG C 102 4.85 21.27 16.29
N GLU C 103 5.74 21.76 15.41
CA GLU C 103 5.98 23.19 15.35
C GLU C 103 4.77 23.94 14.80
N LEU C 104 4.11 23.37 13.80
CA LEU C 104 2.93 24.02 13.24
C LEU C 104 1.80 24.08 14.24
N GLN C 105 1.63 23.02 15.05
CA GLN C 105 0.60 23.05 16.08
C GLN C 105 0.93 24.04 17.18
N LYS C 106 2.21 24.26 17.45
CA LYS C 106 2.60 25.27 18.43
C LYS C 106 2.32 26.68 17.91
N LEU C 107 2.75 26.96 16.68
CA LEU C 107 2.62 28.28 16.09
C LEU C 107 1.26 28.52 15.44
N SER C 108 0.41 27.50 15.37
CA SER C 108 -0.88 27.54 14.67
C SER C 108 -0.68 27.69 13.16
N LYS C 109 0.17 28.63 12.74
CA LYS C 109 0.48 28.83 11.33
C LYS C 109 1.83 29.53 11.24
N PHE C 110 2.48 29.35 10.09
CA PHE C 110 3.80 29.92 9.85
C PHE C 110 3.69 31.21 9.05
N ASP C 111 4.62 32.13 9.31
CA ASP C 111 4.67 33.37 8.54
C ASP C 111 5.23 33.10 7.15
N GLU C 112 5.28 34.14 6.33
CA GLU C 112 5.62 33.96 4.92
C GLU C 112 7.09 33.61 4.73
N GLN C 113 7.98 34.19 5.54
CA GLN C 113 9.40 33.92 5.41
C GLN C 113 9.71 32.47 5.78
N ARG C 114 9.19 32.01 6.91
CA ARG C 114 9.44 30.63 7.33
C ARG C 114 8.86 29.63 6.34
N THR C 115 7.68 29.94 5.78
CA THR C 115 7.05 29.03 4.82
C THR C 115 7.81 29.01 3.51
N ALA C 116 8.12 30.19 2.96
CA ALA C 116 8.88 30.24 1.71
C ALA C 116 10.23 29.55 1.84
N THR C 117 10.85 29.67 3.02
CA THR C 117 12.11 28.95 3.26
C THR C 117 11.88 27.44 3.25
N TYR C 118 10.80 26.97 3.91
CA TYR C 118 10.48 25.55 3.87
C TYR C 118 10.22 25.08 2.44
N ILE C 119 9.45 25.86 1.68
CA ILE C 119 9.12 25.46 0.31
C ILE C 119 10.38 25.42 -0.56
N THR C 120 11.30 26.35 -0.33
CA THR C 120 12.57 26.33 -1.06
C THR C 120 13.36 25.06 -0.76
N GLU C 121 13.46 24.71 0.54
CA GLU C 121 14.17 23.49 0.92
C GLU C 121 13.57 22.26 0.25
N LEU C 122 12.24 22.17 0.23
CA LEU C 122 11.61 20.97 -0.33
C LEU C 122 11.69 20.95 -1.85
N ALA C 123 11.57 22.13 -2.48
CA ALA C 123 11.71 22.19 -3.93
C ALA C 123 13.09 21.70 -4.37
N ASN C 124 14.12 22.02 -3.59
CA ASN C 124 15.46 21.50 -3.89
C ASN C 124 15.52 19.99 -3.68
N ALA C 125 14.93 19.49 -2.58
CA ALA C 125 14.93 18.05 -2.33
C ALA C 125 14.17 17.31 -3.42
N LEU C 126 13.01 17.82 -3.83
CA LEU C 126 12.23 17.18 -4.87
C LEU C 126 12.93 17.27 -6.23
N SER C 127 13.69 18.34 -6.46
CA SER C 127 14.45 18.45 -7.70
C SER C 127 15.54 17.38 -7.76
N TYR C 128 16.19 17.12 -6.63
CA TYR C 128 17.17 16.03 -6.55
C TYR C 128 16.49 14.68 -6.78
N CYS C 129 15.33 14.46 -6.18
CA CYS C 129 14.62 13.19 -6.35
C CYS C 129 14.23 12.98 -7.81
N HIS C 130 13.69 14.01 -8.44
CA HIS C 130 13.29 13.90 -9.85
C HIS C 130 14.48 13.66 -10.76
N SER C 131 15.66 14.19 -10.40
CA SER C 131 16.85 13.93 -11.19
C SER C 131 17.24 12.46 -11.13
N LYS C 132 16.88 11.77 -10.05
CA LYS C 132 17.04 10.33 -9.92
C LYS C 132 15.79 9.57 -10.32
N ARG C 133 14.81 10.25 -10.93
CA ARG C 133 13.59 9.63 -11.43
C ARG C 133 12.77 9.02 -10.29
N VAL C 134 12.88 9.59 -9.09
CA VAL C 134 12.11 9.17 -7.93
C VAL C 134 11.08 10.25 -7.64
N ILE C 135 9.79 9.89 -7.66
CA ILE C 135 8.71 10.87 -7.58
C ILE C 135 7.76 10.48 -6.44
N HIS C 136 6.83 11.38 -6.16
CA HIS C 136 5.80 11.21 -5.13
C HIS C 136 6.41 10.94 -3.76
N ARG C 137 7.08 11.97 -3.24
CA ARG C 137 7.59 11.90 -1.88
C ARG C 137 6.53 12.37 -0.90
N ASP C 138 6.60 11.84 0.32
CA ASP C 138 5.65 12.19 1.38
C ASP C 138 6.15 13.47 2.05
N ILE C 139 5.51 14.59 1.75
CA ILE C 139 5.91 15.87 2.33
C ILE C 139 4.78 16.42 3.20
N LYS C 140 3.97 15.52 3.77
CA LYS C 140 2.98 15.94 4.74
C LYS C 140 3.69 16.44 6.00
N PRO C 141 3.11 17.43 6.70
CA PRO C 141 3.79 17.97 7.89
C PRO C 141 4.08 16.92 8.95
N GLU C 142 3.18 15.94 9.13
CA GLU C 142 3.40 14.92 10.14
C GLU C 142 4.55 14.00 9.80
N ASN C 143 5.00 13.97 8.54
CA ASN C 143 6.10 13.12 8.12
C ASN C 143 7.34 13.92 7.72
N LEU C 144 7.48 15.15 8.23
CA LEU C 144 8.64 15.98 7.97
C LEU C 144 9.36 16.26 9.28
N LEU C 145 10.67 16.10 9.28
CA LEU C 145 11.50 16.37 10.44
C LEU C 145 12.30 17.65 10.24
N LEU C 146 12.97 18.08 11.30
CA LEU C 146 13.70 19.35 11.31
C LEU C 146 15.13 19.09 11.74
N GLY C 147 16.08 19.58 10.95
CA GLY C 147 17.49 19.42 11.24
C GLY C 147 17.97 20.37 12.32
N SER C 148 19.29 20.39 12.49
CA SER C 148 19.88 21.24 13.53
C SER C 148 19.67 22.71 13.23
N ALA C 149 19.77 23.11 11.96
CA ALA C 149 19.58 24.49 11.54
C ALA C 149 18.12 24.83 11.27
N GLY C 150 17.19 24.02 11.74
CA GLY C 150 15.78 24.26 11.47
C GLY C 150 15.35 23.97 10.05
N GLU C 151 16.15 23.21 9.30
CA GLU C 151 15.84 22.88 7.93
C GLU C 151 15.09 21.56 7.86
N LEU C 152 14.24 21.43 6.84
CA LEU C 152 13.36 20.28 6.73
C LEU C 152 14.14 19.02 6.35
N LYS C 153 13.59 17.87 6.74
CA LYS C 153 14.13 16.56 6.41
C LYS C 153 12.98 15.67 5.99
N ILE C 154 12.93 15.28 4.71
CA ILE C 154 11.95 14.32 4.25
C ILE C 154 12.31 12.94 4.79
N ALA C 155 11.33 12.26 5.38
CA ALA C 155 11.54 10.93 5.94
C ALA C 155 10.94 9.81 5.09
N ASP C 156 9.82 10.08 4.40
CA ASP C 156 9.05 9.05 3.71
C ASP C 156 8.70 7.92 4.68
N PHE C 157 8.43 6.72 4.15
CA PHE C 157 7.89 5.63 4.97
C PHE C 157 6.64 6.09 5.72
N GLY C 158 5.83 6.92 5.05
CA GLY C 158 4.72 7.56 5.72
C GLY C 158 3.73 6.60 6.34
N TRP C 159 3.58 5.42 5.74
CA TRP C 159 2.72 4.38 6.31
C TRP C 159 3.21 3.89 7.67
N SER C 160 4.44 4.21 8.06
CA SER C 160 5.00 3.79 9.32
C SER C 160 4.90 4.85 10.41
N VAL C 161 4.29 5.99 10.13
CA VAL C 161 4.13 7.07 11.10
C VAL C 161 2.65 7.17 11.48
N HIS C 162 2.40 7.44 12.76
CA HIS C 162 1.03 7.64 13.23
C HIS C 162 0.47 8.97 12.74
N THR C 174 -3.36 11.52 4.40
CA THR C 174 -2.90 11.10 3.09
C THR C 174 -3.78 11.66 1.97
N LEU C 175 -5.09 11.45 2.10
CA LEU C 175 -6.02 11.88 1.07
C LEU C 175 -5.97 13.39 0.86
N ASP C 176 -5.72 14.15 1.92
CA ASP C 176 -5.70 15.62 1.78
C ASP C 176 -4.57 16.10 0.86
N TYR C 177 -3.53 15.29 0.66
CA TYR C 177 -2.39 15.70 -0.14
C TYR C 177 -2.34 15.02 -1.51
N LEU C 178 -3.32 14.17 -1.82
CA LEU C 178 -3.31 13.42 -3.07
C LEU C 178 -3.81 14.29 -4.22
N PRO C 179 -3.08 14.35 -5.33
CA PRO C 179 -3.54 15.11 -6.49
C PRO C 179 -4.71 14.42 -7.18
N PRO C 180 -5.45 15.14 -8.02
CA PRO C 180 -6.62 14.53 -8.67
C PRO C 180 -6.30 13.28 -9.48
N GLU C 181 -5.16 13.26 -10.18
CA GLU C 181 -4.84 12.08 -10.99
C GLU C 181 -4.66 10.85 -10.12
N MET C 182 -4.24 11.04 -8.88
CA MET C 182 -3.99 9.90 -8.00
C MET C 182 -5.21 9.49 -7.19
N ILE C 183 -6.11 10.42 -6.84
CA ILE C 183 -7.36 9.99 -6.22
C ILE C 183 -8.20 9.20 -7.22
N GLU C 184 -8.00 9.45 -8.51
CA GLU C 184 -8.71 8.71 -9.54
C GLU C 184 -7.95 7.47 -10.02
N GLY C 185 -6.78 7.19 -9.43
CA GLY C 185 -6.02 6.01 -9.79
C GLY C 185 -5.48 6.00 -11.20
N ARG C 186 -5.25 7.18 -11.77
CA ARG C 186 -4.76 7.30 -13.14
C ARG C 186 -3.24 7.42 -13.15
N MET C 187 -2.66 7.20 -14.33
CA MET C 187 -1.22 7.27 -14.45
C MET C 187 -0.75 8.68 -14.12
N HIS C 188 0.34 8.77 -13.37
CA HIS C 188 0.83 10.05 -12.86
C HIS C 188 2.33 10.16 -13.10
N ASP C 189 2.83 11.38 -12.99
CA ASP C 189 4.24 11.66 -13.24
C ASP C 189 4.75 12.58 -12.13
N GLU C 190 5.91 13.21 -12.36
CA GLU C 190 6.56 14.00 -11.33
C GLU C 190 5.75 15.21 -10.90
N LYS C 191 4.76 15.62 -11.69
CA LYS C 191 3.92 16.76 -11.33
C LYS C 191 3.09 16.52 -10.08
N VAL C 192 2.99 15.27 -9.59
CA VAL C 192 2.28 15.03 -8.35
C VAL C 192 2.97 15.73 -7.19
N ASP C 193 4.29 15.87 -7.25
CA ASP C 193 5.03 16.54 -6.18
C ASP C 193 4.80 18.05 -6.20
N LEU C 194 4.48 18.61 -7.37
CA LEU C 194 4.16 20.03 -7.44
C LEU C 194 2.80 20.30 -6.79
N TRP C 195 1.83 19.42 -7.03
CA TRP C 195 0.54 19.52 -6.34
C TRP C 195 0.74 19.46 -4.83
N SER C 196 1.55 18.49 -4.38
CA SER C 196 1.78 18.32 -2.95
C SER C 196 2.42 19.56 -2.34
N LEU C 197 3.30 20.23 -3.10
CA LEU C 197 3.90 21.46 -2.61
C LEU C 197 2.87 22.56 -2.42
N GLY C 198 1.89 22.63 -3.32
CA GLY C 198 0.83 23.61 -3.17
C GLY C 198 -0.04 23.36 -1.96
N VAL C 199 -0.41 22.09 -1.73
CA VAL C 199 -1.18 21.74 -0.54
C VAL C 199 -0.40 22.09 0.72
N LEU C 200 0.90 21.77 0.73
CA LEU C 200 1.71 22.02 1.92
C LEU C 200 1.94 23.51 2.15
N CYS C 201 2.22 24.27 1.07
CA CYS C 201 2.37 25.71 1.21
C CYS C 201 1.11 26.33 1.80
N TYR C 202 -0.06 25.84 1.39
CA TYR C 202 -1.31 26.31 1.96
C TYR C 202 -1.40 25.96 3.44
N GLU C 203 -1.13 24.69 3.79
CA GLU C 203 -1.27 24.29 5.19
C GLU C 203 -0.30 25.04 6.09
N PHE C 204 0.93 25.28 5.61
CA PHE C 204 1.88 26.08 6.37
C PHE C 204 1.33 27.48 6.65
N LEU C 205 0.72 28.10 5.63
CA LEU C 205 0.28 29.48 5.76
C LEU C 205 -1.04 29.60 6.49
N VAL C 206 -1.95 28.64 6.30
CA VAL C 206 -3.29 28.73 6.85
C VAL C 206 -3.44 27.95 8.15
N GLY C 207 -2.78 26.79 8.25
CA GLY C 207 -2.88 25.93 9.41
C GLY C 207 -3.64 24.65 9.16
N LYS C 208 -4.39 24.57 8.06
CA LYS C 208 -5.17 23.42 7.66
C LYS C 208 -4.98 23.19 6.17
N PRO C 209 -5.03 21.95 5.70
CA PRO C 209 -4.94 21.70 4.26
C PRO C 209 -6.14 22.27 3.54
N PRO C 210 -6.01 22.62 2.26
CA PRO C 210 -7.06 23.43 1.62
C PRO C 210 -8.34 22.67 1.30
N PHE C 211 -8.27 21.35 1.09
CA PHE C 211 -9.43 20.57 0.69
C PHE C 211 -10.03 19.78 1.85
N GLU C 212 -9.67 20.13 3.09
CA GLU C 212 -10.17 19.40 4.25
C GLU C 212 -11.69 19.45 4.29
N ALA C 213 -12.30 18.28 4.53
CA ALA C 213 -13.75 18.18 4.63
C ALA C 213 -14.11 17.07 5.60
N ASN C 214 -15.41 16.94 5.89
CA ASN C 214 -15.87 16.04 6.94
C ASN C 214 -15.88 14.58 6.51
N THR C 215 -16.07 14.29 5.22
CA THR C 215 -16.17 12.92 4.75
C THR C 215 -15.17 12.71 3.62
N TYR C 216 -14.99 11.44 3.25
CA TYR C 216 -14.12 11.12 2.12
C TYR C 216 -14.68 11.72 0.83
N GLN C 217 -15.97 11.50 0.56
CA GLN C 217 -16.52 11.94 -0.72
C GLN C 217 -16.47 13.47 -0.82
N GLU C 218 -16.75 14.16 0.28
CA GLU C 218 -16.67 15.61 0.28
C GLU C 218 -15.25 16.06 -0.04
N THR C 219 -14.26 15.45 0.60
CA THR C 219 -12.86 15.77 0.28
C THR C 219 -12.53 15.42 -1.16
N TYR C 220 -12.96 14.24 -1.62
CA TYR C 220 -12.71 13.83 -2.99
C TYR C 220 -13.29 14.84 -3.98
N LYS C 221 -14.53 15.27 -3.75
CA LYS C 221 -15.16 16.22 -4.66
C LYS C 221 -14.43 17.56 -4.64
N ARG C 222 -13.94 17.98 -3.47
CA ARG C 222 -13.21 19.25 -3.39
C ARG C 222 -11.89 19.18 -4.13
N ILE C 223 -11.18 18.05 -4.03
CA ILE C 223 -9.93 17.87 -4.77
C ILE C 223 -10.22 17.76 -6.27
N SER C 224 -11.19 16.94 -6.64
CA SER C 224 -11.48 16.69 -8.05
C SER C 224 -11.91 17.97 -8.77
N ARG C 225 -12.60 18.87 -8.09
CA ARG C 225 -12.99 20.14 -8.66
C ARG C 225 -12.04 21.27 -8.31
N VAL C 226 -10.98 20.99 -7.53
CA VAL C 226 -10.03 21.99 -7.06
C VAL C 226 -10.80 23.16 -6.45
N GLU C 227 -11.65 22.86 -5.47
CA GLU C 227 -12.47 23.86 -4.80
C GLU C 227 -11.87 24.13 -3.43
N PHE C 228 -11.28 25.32 -3.27
CA PHE C 228 -10.73 25.75 -1.99
C PHE C 228 -10.77 27.27 -1.94
N THR C 229 -10.73 27.81 -0.73
CA THR C 229 -10.77 29.24 -0.51
C THR C 229 -9.55 29.69 0.26
N PHE C 230 -9.25 30.98 0.15
CA PHE C 230 -8.15 31.61 0.87
C PHE C 230 -8.68 32.46 2.01
N PRO C 231 -8.10 32.37 3.20
CA PRO C 231 -8.37 33.39 4.22
C PRO C 231 -7.83 34.75 3.77
N ASP C 232 -8.40 35.80 4.35
CA ASP C 232 -8.10 37.15 3.88
C ASP C 232 -6.62 37.52 4.08
N PHE C 233 -5.98 36.95 5.09
CA PHE C 233 -4.59 37.32 5.39
C PHE C 233 -3.57 36.69 4.43
N VAL C 234 -3.99 35.75 3.59
CA VAL C 234 -3.06 35.16 2.62
C VAL C 234 -2.81 36.17 1.51
N THR C 235 -1.54 36.53 1.30
CA THR C 235 -1.19 37.61 0.40
C THR C 235 -1.34 37.18 -1.06
N GLU C 236 -1.22 38.17 -1.96
CA GLU C 236 -1.43 37.93 -3.39
C GLU C 236 -0.36 37.02 -3.97
N GLY C 237 0.90 37.21 -3.56
CA GLY C 237 1.97 36.36 -4.08
C GLY C 237 1.80 34.91 -3.67
N ALA C 238 1.44 34.68 -2.40
CA ALA C 238 1.23 33.32 -1.93
C ALA C 238 0.04 32.68 -2.65
N ARG C 239 -1.04 33.44 -2.85
CA ARG C 239 -2.18 32.95 -3.60
C ARG C 239 -1.78 32.57 -5.03
N ASP C 240 -0.87 33.36 -5.62
CA ASP C 240 -0.43 33.07 -6.98
C ASP C 240 0.30 31.73 -7.06
N LEU C 241 1.28 31.53 -6.18
CA LEU C 241 2.04 30.28 -6.19
C LEU C 241 1.12 29.08 -5.91
N ILE C 242 0.27 29.18 -4.89
CA ILE C 242 -0.59 28.06 -4.53
C ILE C 242 -1.55 27.73 -5.66
N SER C 243 -2.13 28.77 -6.28
CA SER C 243 -3.07 28.52 -7.37
C SER C 243 -2.39 27.98 -8.62
N ARG C 244 -1.11 28.30 -8.82
CA ARG C 244 -0.39 27.73 -9.95
CA ARG C 244 -0.37 27.73 -9.93
C ARG C 244 -0.07 26.26 -9.70
N LEU C 245 0.22 25.88 -8.45
CA LEU C 245 0.55 24.50 -8.14
C LEU C 245 -0.70 23.62 -8.08
N LEU C 246 -1.82 24.17 -7.58
CA LEU C 246 -3.04 23.38 -7.42
C LEU C 246 -3.89 23.48 -8.68
N LYS C 247 -3.35 22.90 -9.76
CA LYS C 247 -4.04 22.82 -11.04
C LYS C 247 -4.46 21.38 -11.29
N HIS C 248 -5.70 21.20 -11.75
CA HIS C 248 -6.19 19.85 -12.01
C HIS C 248 -5.37 19.16 -13.10
N ASN C 249 -5.01 19.91 -14.14
CA ASN C 249 -4.18 19.38 -15.22
C ASN C 249 -2.72 19.43 -14.79
N PRO C 250 -2.07 18.28 -14.62
CA PRO C 250 -0.67 18.30 -14.16
C PRO C 250 0.26 19.04 -15.10
N SER C 251 -0.02 19.01 -16.40
CA SER C 251 0.83 19.71 -17.36
C SER C 251 0.83 21.21 -17.11
N GLN C 252 -0.27 21.76 -16.58
CA GLN C 252 -0.35 23.18 -16.29
C GLN C 252 0.37 23.55 -15.00
N ARG C 253 0.82 22.58 -14.21
CA ARG C 253 1.56 22.87 -13.01
C ARG C 253 2.99 23.31 -13.37
N PRO C 254 3.56 24.23 -12.60
CA PRO C 254 4.88 24.77 -12.97
C PRO C 254 5.99 23.76 -12.75
N MET C 255 7.16 24.09 -13.29
CA MET C 255 8.37 23.36 -13.00
C MET C 255 8.91 23.79 -11.64
N LEU C 256 9.68 22.90 -11.01
CA LEU C 256 10.24 23.21 -9.70
C LEU C 256 11.13 24.44 -9.76
N ARG C 257 11.85 24.62 -10.87
CA ARG C 257 12.67 25.82 -11.03
CA ARG C 257 12.67 25.83 -11.02
C ARG C 257 11.80 27.07 -11.02
N GLU C 258 10.60 27.00 -11.62
CA GLU C 258 9.69 28.14 -11.59
C GLU C 258 9.18 28.41 -10.19
N VAL C 259 9.04 27.37 -9.37
CA VAL C 259 8.70 27.56 -7.96
C VAL C 259 9.83 28.30 -7.25
N LEU C 260 11.07 27.83 -7.44
CA LEU C 260 12.21 28.46 -6.79
C LEU C 260 12.44 29.90 -7.25
N GLU C 261 11.94 30.26 -8.44
CA GLU C 261 12.08 31.62 -8.95
C GLU C 261 10.79 32.42 -8.87
N HIS C 262 9.77 31.90 -8.20
CA HIS C 262 8.52 32.63 -8.09
C HIS C 262 8.74 33.90 -7.27
N PRO C 263 8.17 35.04 -7.68
CA PRO C 263 8.42 36.30 -6.96
C PRO C 263 8.12 36.24 -5.47
N TRP C 264 7.07 35.52 -5.06
CA TRP C 264 6.77 35.40 -3.64
C TRP C 264 7.83 34.57 -2.92
N ILE C 265 8.40 33.57 -3.60
CA ILE C 265 9.44 32.76 -2.98
C ILE C 265 10.72 33.56 -2.81
N THR C 266 11.16 34.23 -3.88
CA THR C 266 12.44 34.95 -3.82
C THR C 266 12.38 36.13 -2.88
N ALA C 267 11.19 36.71 -2.68
CA ALA C 267 11.07 37.88 -1.81
C ALA C 267 10.97 37.51 -0.34
N ASN C 268 10.67 36.25 -0.02
CA ASN C 268 10.46 35.84 1.35
C ASN C 268 11.41 34.74 1.84
N SER C 269 11.96 33.93 0.93
CA SER C 269 12.86 32.86 1.35
C SER C 269 14.19 33.44 1.83
N SER C 270 14.84 32.71 2.73
CA SER C 270 16.16 33.07 3.23
C SER C 270 17.27 32.24 2.58
N LYS C 271 16.94 31.42 1.59
CA LYS C 271 17.94 30.65 0.86
C LYS C 271 17.75 30.78 -0.65
N SER D 4 22.13 -12.73 21.33
CA SER D 4 20.98 -13.02 20.49
C SER D 4 21.41 -13.41 19.08
N SER D 5 20.88 -14.52 18.60
CA SER D 5 21.24 -15.02 17.28
C SER D 5 20.13 -15.95 16.78
N VAL D 6 20.17 -16.25 15.49
CA VAL D 6 19.27 -17.21 14.86
C VAL D 6 20.10 -18.13 13.98
N PRO D 7 20.12 -19.44 14.25
CA PRO D 7 19.40 -20.17 15.30
C PRO D 7 19.95 -19.89 16.70
N THR D 8 19.28 -20.37 17.75
CA THR D 8 19.60 -19.99 19.12
C THR D 8 20.67 -20.89 19.74
N LYS D 9 20.53 -22.21 19.61
CA LYS D 9 21.52 -23.13 20.11
C LYS D 9 22.24 -23.82 18.95
N LEU D 10 23.35 -24.48 19.28
CA LEU D 10 24.15 -25.19 18.29
C LEU D 10 25.16 -26.09 18.99
N GLU D 11 25.17 -27.38 18.65
CA GLU D 11 26.07 -28.31 19.31
C GLU D 11 26.37 -29.47 18.37
N VAL D 12 27.41 -30.22 18.71
CA VAL D 12 27.75 -31.47 18.06
C VAL D 12 27.13 -32.60 18.88
N VAL D 13 26.20 -33.34 18.28
CA VAL D 13 25.54 -34.41 19.01
C VAL D 13 26.23 -35.75 18.80
N ALA D 14 26.84 -35.98 17.64
CA ALA D 14 27.53 -37.23 17.36
C ALA D 14 28.64 -36.97 16.34
N ALA D 15 29.63 -37.86 16.32
CA ALA D 15 30.76 -37.66 15.43
C ALA D 15 31.51 -38.96 15.19
N THR D 16 32.05 -39.08 13.99
CA THR D 16 33.05 -40.06 13.61
C THR D 16 34.40 -39.37 13.49
N PRO D 17 35.49 -40.12 13.28
CA PRO D 17 36.80 -39.47 13.13
C PRO D 17 36.85 -38.34 12.10
N THR D 18 36.05 -38.40 11.03
CA THR D 18 36.11 -37.39 9.98
C THR D 18 34.73 -36.84 9.62
N SER D 19 33.72 -37.00 10.48
CA SER D 19 32.40 -36.46 10.18
C SER D 19 31.73 -36.04 11.48
N LEU D 20 30.95 -34.96 11.41
CA LEU D 20 30.26 -34.38 12.55
C LEU D 20 28.77 -34.33 12.31
N LEU D 21 27.99 -34.59 13.35
CA LEU D 21 26.55 -34.33 13.37
C LEU D 21 26.30 -33.13 14.25
N ILE D 22 25.80 -32.04 13.65
CA ILE D 22 25.49 -30.83 14.39
C ILE D 22 24.00 -30.58 14.32
N SER D 23 23.47 -29.93 15.36
CA SER D 23 22.05 -29.64 15.45
C SER D 23 21.85 -28.26 16.06
N TRP D 24 20.75 -27.63 15.68
CA TRP D 24 20.41 -26.31 16.19
C TRP D 24 18.91 -26.24 16.43
N ASP D 25 18.49 -25.17 17.10
CA ASP D 25 17.08 -24.99 17.43
C ASP D 25 16.32 -24.46 16.22
N ALA D 26 15.09 -24.95 16.05
CA ALA D 26 14.23 -24.43 15.01
C ALA D 26 13.71 -23.07 15.42
N PRO D 27 13.79 -22.06 14.55
CA PRO D 27 13.35 -20.72 14.95
C PRO D 27 11.85 -20.55 14.73
N ALA D 28 11.29 -19.58 15.46
CA ALA D 28 9.87 -19.27 15.34
C ALA D 28 9.53 -18.63 13.99
N VAL D 29 10.54 -18.12 13.29
CA VAL D 29 10.33 -17.46 12.01
C VAL D 29 10.71 -18.41 10.89
N THR D 30 10.24 -18.10 9.68
CA THR D 30 10.58 -18.89 8.52
C THR D 30 11.98 -18.52 8.01
N VAL D 31 12.68 -19.51 7.50
CA VAL D 31 14.07 -19.35 7.04
C VAL D 31 14.18 -19.94 5.64
N VAL D 32 14.82 -19.19 4.74
CA VAL D 32 15.04 -19.68 3.39
C VAL D 32 15.99 -20.86 3.39
N HIS D 33 17.14 -20.71 4.05
CA HIS D 33 18.12 -21.78 4.17
C HIS D 33 19.14 -21.39 5.22
N TYR D 34 19.89 -22.39 5.69
CA TYR D 34 21.04 -22.18 6.53
C TYR D 34 22.30 -22.50 5.73
N VAL D 35 23.35 -21.71 5.92
CA VAL D 35 24.65 -22.02 5.37
C VAL D 35 25.63 -22.17 6.53
N ILE D 36 26.57 -23.10 6.38
CA ILE D 36 27.35 -23.63 7.49
C ILE D 36 28.82 -23.47 7.13
N THR D 37 29.58 -22.81 8.01
CA THR D 37 31.00 -22.58 7.78
C THR D 37 31.79 -23.30 8.85
N TYR D 38 32.81 -24.06 8.42
CA TYR D 38 33.64 -24.82 9.33
C TYR D 38 35.09 -24.73 8.88
N GLY D 39 36.00 -24.54 9.83
CA GLY D 39 37.40 -24.42 9.51
C GLY D 39 38.25 -24.49 10.76
N GLU D 40 39.54 -24.75 10.56
CA GLU D 40 40.47 -24.88 11.67
C GLU D 40 40.67 -23.55 12.37
N THR D 41 40.44 -23.53 13.67
CA THR D 41 40.51 -22.30 14.47
C THR D 41 41.91 -21.71 14.49
N ASN D 44 44.93 -19.32 10.26
CA ASN D 44 44.97 -20.16 9.08
C ASN D 44 44.00 -19.67 8.01
N SER D 45 43.55 -20.59 7.15
CA SER D 45 42.63 -20.24 6.08
C SER D 45 41.27 -19.81 6.62
N VAL D 47 37.80 -20.90 5.34
CA VAL D 47 36.66 -21.61 5.90
C VAL D 47 35.73 -22.08 4.78
N GLN D 48 35.39 -23.37 4.81
CA GLN D 48 34.52 -23.94 3.80
C GLN D 48 33.06 -23.54 4.06
N GLU D 49 32.21 -23.77 3.06
CA GLU D 49 30.84 -23.30 3.12
C GLU D 49 29.92 -24.23 2.35
N PHE D 50 28.78 -24.56 2.95
CA PHE D 50 27.72 -25.27 2.26
C PHE D 50 26.38 -24.83 2.85
N THR D 51 25.32 -25.07 2.08
CA THR D 51 23.98 -24.56 2.40
C THR D 51 23.04 -25.71 2.74
N VAL D 52 22.18 -25.49 3.73
CA VAL D 52 21.23 -26.48 4.20
C VAL D 52 19.83 -25.87 4.09
N PRO D 53 18.86 -26.58 3.50
CA PRO D 53 17.50 -26.04 3.40
C PRO D 53 16.98 -25.53 4.74
N GLY D 54 16.13 -24.51 4.67
CA GLY D 54 15.57 -23.87 5.86
C GLY D 54 14.64 -24.75 6.68
N SER D 55 14.18 -25.87 6.12
CA SER D 55 13.32 -26.79 6.85
C SER D 55 14.09 -27.78 7.71
N LYS D 56 15.42 -27.79 7.62
CA LYS D 56 16.24 -28.72 8.37
C LYS D 56 16.68 -28.12 9.69
N SER D 57 17.07 -28.99 10.62
CA SER D 57 17.62 -28.57 11.90
C SER D 57 18.93 -29.27 12.24
N THR D 58 19.37 -30.22 11.43
CA THR D 58 20.66 -30.88 11.61
C THR D 58 21.40 -30.89 10.29
N ALA D 59 22.69 -31.23 10.36
CA ALA D 59 23.53 -31.31 9.16
C ALA D 59 24.74 -32.17 9.48
N THR D 60 25.34 -32.73 8.44
CA THR D 60 26.54 -33.56 8.55
C THR D 60 27.69 -32.84 7.88
N ILE D 61 28.75 -32.57 8.64
CA ILE D 61 29.98 -32.00 8.13
C ILE D 61 30.95 -33.15 7.88
N SER D 62 31.45 -33.27 6.66
CA SER D 62 32.31 -34.37 6.26
C SER D 62 33.68 -33.86 5.85
N GLY D 63 34.65 -34.78 5.88
CA GLY D 63 36.00 -34.48 5.43
C GLY D 63 36.78 -33.57 6.34
N LEU D 64 36.85 -33.91 7.63
CA LEU D 64 37.62 -33.15 8.60
C LEU D 64 38.90 -33.90 8.95
N LYS D 65 39.74 -33.27 9.79
CA LYS D 65 40.94 -33.93 10.28
C LYS D 65 40.66 -34.54 11.65
N PRO D 66 41.29 -35.68 11.96
CA PRO D 66 41.05 -36.34 13.25
C PRO D 66 41.66 -35.56 14.39
N GLY D 67 40.82 -35.20 15.36
CA GLY D 67 41.27 -34.54 16.58
C GLY D 67 41.96 -33.21 16.37
N VAL D 68 41.27 -32.26 15.74
CA VAL D 68 41.81 -30.93 15.47
C VAL D 68 40.74 -29.90 15.80
N ASP D 69 41.16 -28.79 16.39
CA ASP D 69 40.22 -27.72 16.74
C ASP D 69 39.61 -27.12 15.47
N TYR D 70 38.28 -27.04 15.46
CA TYR D 70 37.52 -26.49 14.34
C TYR D 70 36.45 -25.54 14.87
N THR D 71 36.20 -24.47 14.13
CA THR D 71 35.15 -23.51 14.44
C THR D 71 33.99 -23.73 13.47
N ILE D 72 32.80 -23.95 14.02
CA ILE D 72 31.60 -24.20 13.24
C ILE D 72 30.65 -23.03 13.43
N THR D 73 30.38 -22.31 12.35
CA THR D 73 29.47 -21.17 12.38
C THR D 73 28.23 -21.48 11.54
N VAL D 74 27.06 -21.16 12.09
CA VAL D 74 25.79 -21.41 11.43
C VAL D 74 24.95 -20.15 11.55
N TYR D 75 24.39 -19.68 10.45
CA TYR D 75 23.53 -18.50 10.50
C TYR D 75 22.38 -18.70 9.51
N ALA D 76 21.22 -18.15 9.88
CA ALA D 76 20.02 -18.32 9.09
C ALA D 76 19.83 -17.14 8.14
N ILE D 77 19.24 -17.43 6.98
CA ILE D 77 19.04 -16.45 5.93
C ILE D 77 17.55 -16.13 5.86
N ASP D 78 17.21 -14.84 5.99
CA ASP D 78 15.84 -14.40 5.82
C ASP D 78 15.61 -13.98 4.37
N PHE D 79 14.38 -14.20 3.90
CA PHE D 79 14.06 -13.90 2.50
C PHE D 79 14.28 -12.42 2.19
N TYR D 80 13.79 -11.53 3.05
CA TYR D 80 13.83 -10.11 2.76
C TYR D 80 15.07 -9.42 3.31
N TRP D 81 15.50 -9.78 4.52
CA TRP D 81 16.51 -9.03 5.24
C TRP D 81 17.85 -9.73 5.31
N GLY D 82 18.00 -10.89 4.67
CA GLY D 82 19.28 -11.56 4.64
C GLY D 82 19.61 -12.31 5.92
N SER D 83 20.88 -12.26 6.32
CA SER D 83 21.36 -13.09 7.42
C SER D 83 21.04 -12.50 8.78
N TYR D 84 20.70 -13.37 9.72
CA TYR D 84 20.60 -12.99 11.12
C TYR D 84 22.00 -12.91 11.73
N SER D 85 22.07 -12.53 13.00
CA SER D 85 23.34 -12.61 13.71
C SER D 85 23.75 -14.07 13.86
N PRO D 86 24.99 -14.43 13.56
CA PRO D 86 25.36 -15.84 13.51
C PRO D 86 25.68 -16.41 14.88
N ILE D 87 25.84 -17.73 14.92
CA ILE D 87 26.26 -18.47 16.10
C ILE D 87 27.45 -19.34 15.71
N SER D 88 28.36 -19.55 16.65
CA SER D 88 29.56 -20.34 16.40
C SER D 88 29.92 -21.14 17.65
N ILE D 89 30.47 -22.34 17.42
CA ILE D 89 30.97 -23.21 18.47
C ILE D 89 32.30 -23.79 18.03
N ASN D 90 32.95 -24.51 18.94
CA ASN D 90 34.22 -25.17 18.68
C ASN D 90 34.10 -26.65 19.03
N TYR D 91 34.94 -27.46 18.39
CA TYR D 91 34.92 -28.90 18.59
C TYR D 91 36.21 -29.49 18.04
N ARG D 92 36.66 -30.58 18.65
CA ARG D 92 37.87 -31.26 18.22
C ARG D 92 37.56 -32.64 17.63
#